data_296D
# 
_entry.id   296D 
# 
_audit_conform.dict_name       mmcif_pdbx.dic 
_audit_conform.dict_version    5.387 
_audit_conform.dict_location   http://mmcif.pdb.org/dictionaries/ascii/mmcif_pdbx.dic 
# 
loop_
_database_2.database_id 
_database_2.database_code 
_database_2.pdbx_database_accession 
_database_2.pdbx_DOI 
PDB   296D         pdb_0000296d 10.2210/pdb296d/pdb 
RCSB  GDL028       ?            ?                   
WWPDB D_1000177709 ?            ?                   
# 
loop_
_pdbx_audit_revision_history.ordinal 
_pdbx_audit_revision_history.data_content_type 
_pdbx_audit_revision_history.major_revision 
_pdbx_audit_revision_history.minor_revision 
_pdbx_audit_revision_history.revision_date 
1 'Structure model' 1 0 1996-12-04 
2 'Structure model' 1 1 2008-05-22 
3 'Structure model' 1 2 2011-07-13 
4 'Structure model' 1 3 2024-02-14 
# 
_pdbx_audit_revision_details.ordinal             1 
_pdbx_audit_revision_details.revision_ordinal    1 
_pdbx_audit_revision_details.data_content_type   'Structure model' 
_pdbx_audit_revision_details.provider            repository 
_pdbx_audit_revision_details.type                'Initial release' 
_pdbx_audit_revision_details.description         ? 
_pdbx_audit_revision_details.details             ? 
# 
loop_
_pdbx_audit_revision_group.ordinal 
_pdbx_audit_revision_group.revision_ordinal 
_pdbx_audit_revision_group.data_content_type 
_pdbx_audit_revision_group.group 
1 2 'Structure model' 'Version format compliance' 
2 3 'Structure model' 'Version format compliance' 
3 4 'Structure model' 'Data collection'           
4 4 'Structure model' 'Database references'       
5 4 'Structure model' 'Derived calculations'      
# 
loop_
_pdbx_audit_revision_category.ordinal 
_pdbx_audit_revision_category.revision_ordinal 
_pdbx_audit_revision_category.data_content_type 
_pdbx_audit_revision_category.category 
1 4 'Structure model' chem_comp_atom 
2 4 'Structure model' chem_comp_bond 
3 4 'Structure model' database_2     
4 4 'Structure model' struct_site    
# 
loop_
_pdbx_audit_revision_item.ordinal 
_pdbx_audit_revision_item.revision_ordinal 
_pdbx_audit_revision_item.data_content_type 
_pdbx_audit_revision_item.item 
1 4 'Structure model' '_database_2.pdbx_DOI'                
2 4 'Structure model' '_database_2.pdbx_database_accession' 
3 4 'Structure model' '_struct_site.pdbx_auth_asym_id'      
4 4 'Structure model' '_struct_site.pdbx_auth_comp_id'      
5 4 'Structure model' '_struct_site.pdbx_auth_seq_id'       
# 
_pdbx_database_status.status_code                     REL 
_pdbx_database_status.entry_id                        296D 
_pdbx_database_status.recvd_initial_deposition_date   1994-07-21 
_pdbx_database_status.deposit_site                    NDB 
_pdbx_database_status.process_site                    NDB 
_pdbx_database_status.SG_entry                        . 
_pdbx_database_status.pdb_format_compatible           Y 
_pdbx_database_status.status_code_mr                  ? 
_pdbx_database_status.status_code_sf                  ? 
_pdbx_database_status.status_code_cs                  ? 
_pdbx_database_status.status_code_nmr_data            ? 
_pdbx_database_status.methods_development_category    ? 
# 
loop_
_audit_author.name 
_audit_author.pdbx_ordinal 
'Spink, N.'    1 
'Brown, D.G.'  2 
'Skelly, J.V.' 3 
'Neidle, S.'   4 
# 
_citation.id                        primary 
_citation.title                     
'Sequence-dependent effects in drug-DNA interaction: the crystal structure of Hoechst 33258 bound to the d(CGCAAATTTGCG)2 duplex.' 
_citation.journal_abbrev            'Nucleic Acids Res.' 
_citation.journal_volume            22 
_citation.page_first                1607 
_citation.page_last                 1612 
_citation.year                      1994 
_citation.journal_id_ASTM           NARHAD 
_citation.country                   UK 
_citation.journal_id_ISSN           0305-1048 
_citation.journal_id_CSD            0389 
_citation.book_publisher            ? 
_citation.pdbx_database_id_PubMed   7515488 
_citation.pdbx_database_id_DOI      10.1093/nar/22.9.1607 
# 
loop_
_citation_author.citation_id 
_citation_author.name 
_citation_author.ordinal 
_citation_author.identifier_ORCID 
primary 'Spink, N.'    1 ? 
primary 'Brown, D.G.'  2 ? 
primary 'Skelly, J.V.' 3 ? 
primary 'Neidle, S.'   4 ? 
# 
loop_
_entity.id 
_entity.type 
_entity.src_method 
_entity.pdbx_description 
_entity.formula_weight 
_entity.pdbx_number_of_molecules 
_entity.pdbx_ec 
_entity.pdbx_mutation 
_entity.pdbx_fragment 
_entity.details 
1 polymer     syn 
;DNA (5'-D(*CP*GP*CP*AP*AP*AP*TP*TP*TP*GP*CP*G)-3')
;
3662.404 2  ? ? ? ? 
2 non-polymer syn "2'-(4-HYDROXYPHENYL)-5-(4-METHYL-1-PIPERAZINYL)-2,5'-BI-BENZIMIDAZOLE" 424.498  1  ? ? ? ? 
3 water       nat water                                                                   18.015   63 ? ? ? ? 
# 
_entity_poly.entity_id                      1 
_entity_poly.type                           polydeoxyribonucleotide 
_entity_poly.nstd_linkage                   no 
_entity_poly.nstd_monomer                   no 
_entity_poly.pdbx_seq_one_letter_code       '(DC)(DG)(DC)(DA)(DA)(DA)(DT)(DT)(DT)(DG)(DC)(DG)' 
_entity_poly.pdbx_seq_one_letter_code_can   CGCAAATTTGCG 
_entity_poly.pdbx_strand_id                 A,B 
_entity_poly.pdbx_target_identifier         ? 
# 
loop_
_pdbx_entity_nonpoly.entity_id 
_pdbx_entity_nonpoly.name 
_pdbx_entity_nonpoly.comp_id 
2 "2'-(4-HYDROXYPHENYL)-5-(4-METHYL-1-PIPERAZINYL)-2,5'-BI-BENZIMIDAZOLE" HT  
3 water                                                                   HOH 
# 
loop_
_entity_poly_seq.entity_id 
_entity_poly_seq.num 
_entity_poly_seq.mon_id 
_entity_poly_seq.hetero 
1 1  DC n 
1 2  DG n 
1 3  DC n 
1 4  DA n 
1 5  DA n 
1 6  DA n 
1 7  DT n 
1 8  DT n 
1 9  DT n 
1 10 DG n 
1 11 DC n 
1 12 DG n 
# 
loop_
_chem_comp.id 
_chem_comp.type 
_chem_comp.mon_nstd_flag 
_chem_comp.name 
_chem_comp.pdbx_synonyms 
_chem_comp.formula 
_chem_comp.formula_weight 
DA  'DNA linking' y "2'-DEOXYADENOSINE-5'-MONOPHOSPHATE"                                    ?               'C10 H14 N5 O6 P' 
331.222 
DC  'DNA linking' y "2'-DEOXYCYTIDINE-5'-MONOPHOSPHATE"                                     ?               'C9 H14 N3 O7 P'  
307.197 
DG  'DNA linking' y "2'-DEOXYGUANOSINE-5'-MONOPHOSPHATE"                                    ?               'C10 H14 N5 O7 P' 
347.221 
DT  'DNA linking' y "THYMIDINE-5'-MONOPHOSPHATE"                                            ?               'C10 H15 N2 O8 P' 
322.208 
HOH non-polymer   . WATER                                                                   ?               'H2 O'            
18.015  
HT  non-polymer   . "2'-(4-HYDROXYPHENYL)-5-(4-METHYL-1-PIPERAZINYL)-2,5'-BI-BENZIMIDAZOLE" 'HOECHST 33258' 'C25 H24 N6 O'    
424.498 
# 
loop_
_pdbx_poly_seq_scheme.asym_id 
_pdbx_poly_seq_scheme.entity_id 
_pdbx_poly_seq_scheme.seq_id 
_pdbx_poly_seq_scheme.mon_id 
_pdbx_poly_seq_scheme.ndb_seq_num 
_pdbx_poly_seq_scheme.pdb_seq_num 
_pdbx_poly_seq_scheme.auth_seq_num 
_pdbx_poly_seq_scheme.pdb_mon_id 
_pdbx_poly_seq_scheme.auth_mon_id 
_pdbx_poly_seq_scheme.pdb_strand_id 
_pdbx_poly_seq_scheme.pdb_ins_code 
_pdbx_poly_seq_scheme.hetero 
A 1 1  DC 1  1  1  DC C A . n 
A 1 2  DG 2  2  2  DG G A . n 
A 1 3  DC 3  3  3  DC C A . n 
A 1 4  DA 4  4  4  DA A A . n 
A 1 5  DA 5  5  5  DA A A . n 
A 1 6  DA 6  6  6  DA A A . n 
A 1 7  DT 7  7  7  DT T A . n 
A 1 8  DT 8  8  8  DT T A . n 
A 1 9  DT 9  9  9  DT T A . n 
A 1 10 DG 10 10 10 DG G A . n 
A 1 11 DC 11 11 11 DC C A . n 
A 1 12 DG 12 12 12 DG G A . n 
B 1 1  DC 1  13 13 DC C B . n 
B 1 2  DG 2  14 14 DG G B . n 
B 1 3  DC 3  15 15 DC C B . n 
B 1 4  DA 4  16 16 DA A B . n 
B 1 5  DA 5  17 17 DA A B . n 
B 1 6  DA 6  18 18 DA A B . n 
B 1 7  DT 7  19 19 DT T B . n 
B 1 8  DT 8  20 20 DT T B . n 
B 1 9  DT 9  21 21 DT T B . n 
B 1 10 DG 10 22 22 DG G B . n 
B 1 11 DC 11 23 23 DC C B . n 
B 1 12 DG 12 24 24 DG G B . n 
# 
loop_
_pdbx_nonpoly_scheme.asym_id 
_pdbx_nonpoly_scheme.entity_id 
_pdbx_nonpoly_scheme.mon_id 
_pdbx_nonpoly_scheme.ndb_seq_num 
_pdbx_nonpoly_scheme.pdb_seq_num 
_pdbx_nonpoly_scheme.auth_seq_num 
_pdbx_nonpoly_scheme.pdb_mon_id 
_pdbx_nonpoly_scheme.auth_mon_id 
_pdbx_nonpoly_scheme.pdb_strand_id 
_pdbx_nonpoly_scheme.pdb_ins_code 
C 2 HT  1  25 25 HT  HT  B . 
D 3 HOH 1  26 26 HOH HOH A . 
D 3 HOH 2  27 27 HOH HOH A . 
D 3 HOH 3  28 28 HOH HOH A . 
D 3 HOH 4  29 29 HOH HOH A . 
D 3 HOH 5  30 30 HOH HOH A . 
D 3 HOH 6  36 36 HOH HOH A . 
D 3 HOH 7  37 37 HOH HOH A . 
D 3 HOH 8  40 40 HOH HOH A . 
D 3 HOH 9  41 41 HOH HOH A . 
D 3 HOH 10 43 43 HOH HOH A . 
D 3 HOH 11 49 49 HOH HOH A . 
D 3 HOH 12 50 50 HOH HOH A . 
D 3 HOH 13 52 52 HOH HOH A . 
D 3 HOH 14 53 53 HOH HOH A . 
D 3 HOH 15 54 54 HOH HOH A . 
D 3 HOH 16 59 59 HOH HOH A . 
D 3 HOH 17 63 63 HOH HOH A . 
D 3 HOH 18 64 64 HOH HOH A . 
D 3 HOH 19 65 65 HOH HOH A . 
D 3 HOH 20 66 66 HOH HOH A . 
D 3 HOH 21 67 67 HOH HOH A . 
D 3 HOH 22 68 68 HOH HOH A . 
D 3 HOH 23 69 69 HOH HOH A . 
D 3 HOH 24 70 70 HOH HOH A . 
D 3 HOH 25 71 71 HOH HOH A . 
D 3 HOH 26 72 72 HOH HOH A . 
D 3 HOH 27 73 73 HOH HOH A . 
D 3 HOH 28 74 74 HOH HOH A . 
D 3 HOH 29 75 75 HOH HOH A . 
D 3 HOH 30 76 76 HOH HOH A . 
D 3 HOH 31 77 77 HOH HOH A . 
D 3 HOH 32 83 83 HOH HOH A . 
D 3 HOH 33 84 84 HOH HOH A . 
E 3 HOH 1  31 31 HOH HOH B . 
E 3 HOH 2  32 32 HOH HOH B . 
E 3 HOH 3  33 33 HOH HOH B . 
E 3 HOH 4  34 34 HOH HOH B . 
E 3 HOH 5  35 35 HOH HOH B . 
E 3 HOH 6  38 38 HOH HOH B . 
E 3 HOH 7  39 39 HOH HOH B . 
E 3 HOH 8  42 42 HOH HOH B . 
E 3 HOH 9  44 44 HOH HOH B . 
E 3 HOH 10 45 45 HOH HOH B . 
E 3 HOH 11 46 46 HOH HOH B . 
E 3 HOH 12 47 47 HOH HOH B . 
E 3 HOH 13 48 48 HOH HOH B . 
E 3 HOH 14 51 51 HOH HOH B . 
E 3 HOH 15 55 55 HOH HOH B . 
E 3 HOH 16 56 56 HOH HOH B . 
E 3 HOH 17 57 57 HOH HOH B . 
E 3 HOH 18 58 58 HOH HOH B . 
E 3 HOH 19 60 60 HOH HOH B . 
E 3 HOH 20 61 61 HOH HOH B . 
E 3 HOH 21 62 62 HOH HOH B . 
E 3 HOH 22 78 78 HOH HOH B . 
E 3 HOH 23 79 79 HOH HOH B . 
E 3 HOH 24 80 80 HOH HOH B . 
E 3 HOH 25 81 81 HOH HOH B . 
E 3 HOH 26 82 82 HOH HOH B . 
E 3 HOH 27 85 85 HOH HOH B . 
E 3 HOH 28 86 86 HOH HOH B . 
E 3 HOH 29 87 87 HOH HOH B . 
E 3 HOH 30 88 88 HOH HOH B . 
# 
loop_
_software.name 
_software.classification 
_software.version 
_software.citation_id 
_software.pdbx_ordinal 
NUCLSQ refinement     . ? 1 
XENGEN 'data scaling' . ? 2 
# 
_cell.entry_id           296D 
_cell.length_a           25.270 
_cell.length_b           41.320 
_cell.length_c           65.110 
_cell.angle_alpha        90.00 
_cell.angle_beta         90.00 
_cell.angle_gamma        90.00 
_cell.Z_PDB              8 
_cell.pdbx_unique_axis   ? 
# 
_symmetry.entry_id                         296D 
_symmetry.space_group_name_H-M             'P 21 21 21' 
_symmetry.pdbx_full_space_group_name_H-M   ? 
_symmetry.cell_setting                     ? 
_symmetry.Int_Tables_number                19 
# 
_exptl.entry_id          296D 
_exptl.method            'X-RAY DIFFRACTION' 
_exptl.crystals_number   ? 
# 
_exptl_crystal.id                    1 
_exptl_crystal.density_meas          ? 
_exptl_crystal.density_Matthews      2.32 
_exptl_crystal.density_percent_sol   46.99 
_exptl_crystal.description           ? 
# 
_exptl_crystal_grow.crystal_id      1 
_exptl_crystal_grow.method          'VAPOR DIFFUSION, HANGING DROP' 
_exptl_crystal_grow.temp            288.00 
_exptl_crystal_grow.temp_details    ? 
_exptl_crystal_grow.pH              7.00 
_exptl_crystal_grow.pdbx_details    'pH 7.00, VAPOR DIFFUSION, HANGING DROP, temperature 288.00K' 
_exptl_crystal_grow.pdbx_pH_range   ? 
# 
loop_
_exptl_crystal_grow_comp.crystal_id 
_exptl_crystal_grow_comp.id 
_exptl_crystal_grow_comp.sol_id 
_exptl_crystal_grow_comp.name 
_exptl_crystal_grow_comp.volume 
_exptl_crystal_grow_comp.conc 
_exptl_crystal_grow_comp.details 
1 1 1 WATER           ? ? ? 
1 2 1 MPD             ? ? ? 
1 3 1 'NA CACODYLATE' ? ? ? 
1 4 1 AZIDE           ? ? ? 
1 5 1 MGCL2           ? ? ? 
# 
_diffrn.id                     1 
_diffrn.ambient_temp           ? 
_diffrn.ambient_temp_details   'ROOM TEMPERATURE' 
_diffrn.crystal_id             1 
# 
_diffrn_detector.diffrn_id              1 
_diffrn_detector.detector               'AREA DETECTOR' 
_diffrn_detector.type                   XENTRONICS 
_diffrn_detector.pdbx_collection_date   ? 
_diffrn_detector.details                ? 
# 
_diffrn_radiation.diffrn_id                        1 
_diffrn_radiation.wavelength_id                    1 
_diffrn_radiation.pdbx_monochromatic_or_laue_m_l   M 
_diffrn_radiation.monochromator                    ? 
_diffrn_radiation.pdbx_diffrn_protocol             ? 
_diffrn_radiation.pdbx_scattering_type             x-ray 
# 
_diffrn_radiation_wavelength.id           1 
_diffrn_radiation_wavelength.wavelength   1.5418 
_diffrn_radiation_wavelength.wt           1.0 
# 
_diffrn_source.diffrn_id                   1 
_diffrn_source.source                      'ROTATING ANODE' 
_diffrn_source.type                        'ENRAF-NONIUS FR571' 
_diffrn_source.pdbx_synchrotron_site       ? 
_diffrn_source.pdbx_synchrotron_beamline   ? 
_diffrn_source.pdbx_wavelength             1.5418 
_diffrn_source.pdbx_wavelength_list        ? 
# 
_reflns.entry_id                     296D 
_reflns.observed_criterion_sigma_I   ? 
_reflns.observed_criterion_sigma_F   ? 
_reflns.d_resolution_low             ? 
_reflns.d_resolution_high            2.100 
_reflns.number_obs                   3114 
_reflns.number_all                   11799 
_reflns.percent_possible_obs         ? 
_reflns.pdbx_Rmerge_I_obs            0.0610000 
_reflns.pdbx_Rsym_value              ? 
_reflns.pdbx_netI_over_sigmaI        ? 
_reflns.B_iso_Wilson_estimate        ? 
_reflns.pdbx_redundancy              ? 
_reflns.pdbx_diffrn_id               1 
_reflns.pdbx_ordinal                 1 
# 
_refine.entry_id                                 296D 
_refine.ls_number_reflns_obs                     2125 
_refine.ls_number_reflns_all                     ? 
_refine.pdbx_ls_sigma_I                          2.000 
_refine.pdbx_ls_sigma_F                          ? 
_refine.pdbx_data_cutoff_high_absF               ? 
_refine.pdbx_data_cutoff_low_absF                ? 
_refine.pdbx_data_cutoff_high_rms_absF           ? 
_refine.ls_d_res_low                             8.000 
_refine.ls_d_res_high                            2.250 
_refine.ls_percent_reflns_obs                    ? 
_refine.ls_R_factor_obs                          0.1850000 
_refine.ls_R_factor_all                          ? 
_refine.ls_R_factor_R_work                       ? 
_refine.ls_R_factor_R_free                       ? 
_refine.ls_R_factor_R_free_error                 ? 
_refine.ls_R_factor_R_free_error_details         ? 
_refine.ls_percent_reflns_R_free                 ? 
_refine.ls_number_reflns_R_free                  ? 
_refine.ls_number_parameters                     ? 
_refine.ls_number_restraints                     ? 
_refine.occupancy_min                            ? 
_refine.occupancy_max                            ? 
_refine.B_iso_mean                               ? 
_refine.aniso_B[1][1]                            ? 
_refine.aniso_B[2][2]                            ? 
_refine.aniso_B[3][3]                            ? 
_refine.aniso_B[1][2]                            ? 
_refine.aniso_B[1][3]                            ? 
_refine.aniso_B[2][3]                            ? 
_refine.solvent_model_details                    ? 
_refine.solvent_model_param_ksol                 ? 
_refine.solvent_model_param_bsol                 ? 
_refine.pdbx_ls_cross_valid_method               ? 
_refine.details                                  ? 
_refine.pdbx_starting_model                      ? 
_refine.pdbx_method_to_determine_struct          ? 
_refine.pdbx_isotropic_thermal_model             ? 
_refine.pdbx_stereochemistry_target_values       ? 
_refine.pdbx_stereochem_target_val_spec_case     ? 
_refine.pdbx_R_Free_selection_details            ? 
_refine.pdbx_overall_ESU_R                       ? 
_refine.pdbx_overall_ESU_R_Free                  ? 
_refine.overall_SU_ML                            ? 
_refine.overall_SU_B                             ? 
_refine.pdbx_refine_id                           'X-RAY DIFFRACTION' 
_refine.pdbx_diffrn_id                           1 
_refine.pdbx_TLS_residual_ADP_flag               ? 
_refine.correlation_coeff_Fo_to_Fc               ? 
_refine.correlation_coeff_Fo_to_Fc_free          ? 
_refine.pdbx_solvent_vdw_probe_radii             ? 
_refine.pdbx_solvent_ion_probe_radii             ? 
_refine.pdbx_solvent_shrinkage_radii             ? 
_refine.pdbx_overall_phase_error                 ? 
_refine.overall_SU_R_Cruickshank_DPI             ? 
_refine.pdbx_overall_SU_R_free_Cruickshank_DPI   ? 
_refine.pdbx_overall_SU_R_Blow_DPI               ? 
_refine.pdbx_overall_SU_R_free_Blow_DPI          ? 
# 
_refine_hist.pdbx_refine_id                   'X-RAY DIFFRACTION' 
_refine_hist.cycle_id                         LAST 
_refine_hist.pdbx_number_atoms_protein        0 
_refine_hist.pdbx_number_atoms_nucleic_acid   488 
_refine_hist.pdbx_number_atoms_ligand         32 
_refine_hist.number_atoms_solvent             63 
_refine_hist.number_atoms_total               583 
_refine_hist.d_res_high                       2.250 
_refine_hist.d_res_low                        8.000 
# 
_struct.entry_id                  296D 
_struct.title                     
'SEQUENCE-DEPENDENT EFFECTS IN DRUG-DNA INTERACTION: THE CRYSTAL STRUCTURE OF HOECHST 33258 BOUND TO THE D(CGCAAATTTGCG)2 DUPLEX' 
_struct.pdbx_model_details        ? 
_struct.pdbx_CASP_flag            ? 
_struct.pdbx_model_type_details   ? 
# 
_struct_keywords.entry_id        296D 
_struct_keywords.pdbx_keywords   DNA 
_struct_keywords.text            'B-DNA, DOUBLE HELIX, COMPLEXED WITH DRUG, DNA' 
# 
loop_
_struct_asym.id 
_struct_asym.pdbx_blank_PDB_chainid_flag 
_struct_asym.pdbx_modified 
_struct_asym.entity_id 
_struct_asym.details 
A N N 1 ? 
B N N 1 ? 
C N N 2 ? 
D N N 3 ? 
E N N 3 ? 
# 
_struct_ref.id                         1 
_struct_ref.entity_id                  1 
_struct_ref.db_name                    PDB 
_struct_ref.db_code                    296D 
_struct_ref.pdbx_db_accession          296D 
_struct_ref.pdbx_db_isoform            ? 
_struct_ref.pdbx_seq_one_letter_code   ? 
_struct_ref.pdbx_align_begin           ? 
# 
loop_
_struct_ref_seq.align_id 
_struct_ref_seq.ref_id 
_struct_ref_seq.pdbx_PDB_id_code 
_struct_ref_seq.pdbx_strand_id 
_struct_ref_seq.seq_align_beg 
_struct_ref_seq.pdbx_seq_align_beg_ins_code 
_struct_ref_seq.seq_align_end 
_struct_ref_seq.pdbx_seq_align_end_ins_code 
_struct_ref_seq.pdbx_db_accession 
_struct_ref_seq.db_align_beg 
_struct_ref_seq.pdbx_db_align_beg_ins_code 
_struct_ref_seq.db_align_end 
_struct_ref_seq.pdbx_db_align_end_ins_code 
_struct_ref_seq.pdbx_auth_seq_align_beg 
_struct_ref_seq.pdbx_auth_seq_align_end 
1 1 296D A 1 ? 12 ? 296D 1  ? 12 ? 1  12 
2 1 296D B 1 ? 12 ? 296D 13 ? 24 ? 13 24 
# 
_pdbx_struct_assembly.id                   1 
_pdbx_struct_assembly.details              author_defined_assembly 
_pdbx_struct_assembly.method_details       ? 
_pdbx_struct_assembly.oligomeric_details   dimeric 
_pdbx_struct_assembly.oligomeric_count     2 
# 
_pdbx_struct_assembly_gen.assembly_id       1 
_pdbx_struct_assembly_gen.oper_expression   1 
_pdbx_struct_assembly_gen.asym_id_list      A,B,C,D,E 
# 
_pdbx_struct_oper_list.id                   1 
_pdbx_struct_oper_list.type                 'identity operation' 
_pdbx_struct_oper_list.name                 1_555 
_pdbx_struct_oper_list.symmetry_operation   x,y,z 
_pdbx_struct_oper_list.matrix[1][1]         1.0000000000 
_pdbx_struct_oper_list.matrix[1][2]         0.0000000000 
_pdbx_struct_oper_list.matrix[1][3]         0.0000000000 
_pdbx_struct_oper_list.vector[1]            0.0000000000 
_pdbx_struct_oper_list.matrix[2][1]         0.0000000000 
_pdbx_struct_oper_list.matrix[2][2]         1.0000000000 
_pdbx_struct_oper_list.matrix[2][3]         0.0000000000 
_pdbx_struct_oper_list.vector[2]            0.0000000000 
_pdbx_struct_oper_list.matrix[3][1]         0.0000000000 
_pdbx_struct_oper_list.matrix[3][2]         0.0000000000 
_pdbx_struct_oper_list.matrix[3][3]         1.0000000000 
_pdbx_struct_oper_list.vector[3]            0.0000000000 
# 
_struct_biol.id   1 
# 
loop_
_struct_conn.id 
_struct_conn.conn_type_id 
_struct_conn.pdbx_leaving_atom_flag 
_struct_conn.pdbx_PDB_id 
_struct_conn.ptnr1_label_asym_id 
_struct_conn.ptnr1_label_comp_id 
_struct_conn.ptnr1_label_seq_id 
_struct_conn.ptnr1_label_atom_id 
_struct_conn.pdbx_ptnr1_label_alt_id 
_struct_conn.pdbx_ptnr1_PDB_ins_code 
_struct_conn.pdbx_ptnr1_standard_comp_id 
_struct_conn.ptnr1_symmetry 
_struct_conn.ptnr2_label_asym_id 
_struct_conn.ptnr2_label_comp_id 
_struct_conn.ptnr2_label_seq_id 
_struct_conn.ptnr2_label_atom_id 
_struct_conn.pdbx_ptnr2_label_alt_id 
_struct_conn.pdbx_ptnr2_PDB_ins_code 
_struct_conn.ptnr1_auth_asym_id 
_struct_conn.ptnr1_auth_comp_id 
_struct_conn.ptnr1_auth_seq_id 
_struct_conn.ptnr2_auth_asym_id 
_struct_conn.ptnr2_auth_comp_id 
_struct_conn.ptnr2_auth_seq_id 
_struct_conn.ptnr2_symmetry 
_struct_conn.pdbx_ptnr3_label_atom_id 
_struct_conn.pdbx_ptnr3_label_seq_id 
_struct_conn.pdbx_ptnr3_label_comp_id 
_struct_conn.pdbx_ptnr3_label_asym_id 
_struct_conn.pdbx_ptnr3_label_alt_id 
_struct_conn.pdbx_ptnr3_PDB_ins_code 
_struct_conn.details 
_struct_conn.pdbx_dist_value 
_struct_conn.pdbx_value_order 
_struct_conn.pdbx_role 
hydrog1  hydrog ? ? A DC 1  N3 ? ? ? 1_555 B DG 12 N1 ? ? A DC 1  B DG 24 1_555 ? ? ? ? ? ? WATSON-CRICK ? ? ? 
hydrog2  hydrog ? ? A DC 1  N4 ? ? ? 1_555 B DG 12 O6 ? ? A DC 1  B DG 24 1_555 ? ? ? ? ? ? WATSON-CRICK ? ? ? 
hydrog3  hydrog ? ? A DC 1  O2 ? ? ? 1_555 B DG 12 N2 ? ? A DC 1  B DG 24 1_555 ? ? ? ? ? ? WATSON-CRICK ? ? ? 
hydrog4  hydrog ? ? A DG 2  N1 ? ? ? 1_555 B DC 11 N3 ? ? A DG 2  B DC 23 1_555 ? ? ? ? ? ? WATSON-CRICK ? ? ? 
hydrog5  hydrog ? ? A DG 2  N2 ? ? ? 1_555 B DC 11 O2 ? ? A DG 2  B DC 23 1_555 ? ? ? ? ? ? WATSON-CRICK ? ? ? 
hydrog6  hydrog ? ? A DG 2  O6 ? ? ? 1_555 B DC 11 N4 ? ? A DG 2  B DC 23 1_555 ? ? ? ? ? ? WATSON-CRICK ? ? ? 
hydrog7  hydrog ? ? A DC 3  N3 ? ? ? 1_555 B DG 10 N1 ? ? A DC 3  B DG 22 1_555 ? ? ? ? ? ? WATSON-CRICK ? ? ? 
hydrog8  hydrog ? ? A DC 3  N4 ? ? ? 1_555 B DG 10 O6 ? ? A DC 3  B DG 22 1_555 ? ? ? ? ? ? WATSON-CRICK ? ? ? 
hydrog9  hydrog ? ? A DC 3  O2 ? ? ? 1_555 B DG 10 N2 ? ? A DC 3  B DG 22 1_555 ? ? ? ? ? ? WATSON-CRICK ? ? ? 
hydrog10 hydrog ? ? A DA 4  N1 ? ? ? 1_555 B DT 9  N3 ? ? A DA 4  B DT 21 1_555 ? ? ? ? ? ? WATSON-CRICK ? ? ? 
hydrog11 hydrog ? ? A DA 4  N6 ? ? ? 1_555 B DT 9  O4 ? ? A DA 4  B DT 21 1_555 ? ? ? ? ? ? WATSON-CRICK ? ? ? 
hydrog12 hydrog ? ? A DA 5  N1 ? ? ? 1_555 B DT 8  N3 ? ? A DA 5  B DT 20 1_555 ? ? ? ? ? ? WATSON-CRICK ? ? ? 
hydrog13 hydrog ? ? A DA 5  N6 ? ? ? 1_555 B DT 8  O4 ? ? A DA 5  B DT 20 1_555 ? ? ? ? ? ? WATSON-CRICK ? ? ? 
hydrog14 hydrog ? ? A DA 6  N1 ? ? ? 1_555 B DT 7  N3 ? ? A DA 6  B DT 19 1_555 ? ? ? ? ? ? WATSON-CRICK ? ? ? 
hydrog15 hydrog ? ? A DA 6  N6 ? ? ? 1_555 B DT 7  O4 ? ? A DA 6  B DT 19 1_555 ? ? ? ? ? ? WATSON-CRICK ? ? ? 
hydrog16 hydrog ? ? A DT 7  N3 ? ? ? 1_555 B DA 6  N1 ? ? A DT 7  B DA 18 1_555 ? ? ? ? ? ? WATSON-CRICK ? ? ? 
hydrog17 hydrog ? ? A DT 7  O4 ? ? ? 1_555 B DA 6  N6 ? ? A DT 7  B DA 18 1_555 ? ? ? ? ? ? WATSON-CRICK ? ? ? 
hydrog18 hydrog ? ? A DT 8  N3 ? ? ? 1_555 B DA 5  N1 ? ? A DT 8  B DA 17 1_555 ? ? ? ? ? ? WATSON-CRICK ? ? ? 
hydrog19 hydrog ? ? A DT 8  O4 ? ? ? 1_555 B DA 5  N6 ? ? A DT 8  B DA 17 1_555 ? ? ? ? ? ? WATSON-CRICK ? ? ? 
hydrog20 hydrog ? ? A DT 9  N3 ? ? ? 1_555 B DA 4  N1 ? ? A DT 9  B DA 16 1_555 ? ? ? ? ? ? WATSON-CRICK ? ? ? 
hydrog21 hydrog ? ? A DT 9  O4 ? ? ? 1_555 B DA 4  N6 ? ? A DT 9  B DA 16 1_555 ? ? ? ? ? ? WATSON-CRICK ? ? ? 
hydrog22 hydrog ? ? A DG 10 N1 ? ? ? 1_555 B DC 3  N3 ? ? A DG 10 B DC 15 1_555 ? ? ? ? ? ? WATSON-CRICK ? ? ? 
hydrog23 hydrog ? ? A DG 10 N2 ? ? ? 1_555 B DC 3  O2 ? ? A DG 10 B DC 15 1_555 ? ? ? ? ? ? WATSON-CRICK ? ? ? 
hydrog24 hydrog ? ? A DG 10 O6 ? ? ? 1_555 B DC 3  N4 ? ? A DG 10 B DC 15 1_555 ? ? ? ? ? ? WATSON-CRICK ? ? ? 
hydrog25 hydrog ? ? A DC 11 N3 ? ? ? 1_555 B DG 2  N1 ? ? A DC 11 B DG 14 1_555 ? ? ? ? ? ? WATSON-CRICK ? ? ? 
hydrog26 hydrog ? ? A DC 11 N4 ? ? ? 1_555 B DG 2  O6 ? ? A DC 11 B DG 14 1_555 ? ? ? ? ? ? WATSON-CRICK ? ? ? 
hydrog27 hydrog ? ? A DC 11 O2 ? ? ? 1_555 B DG 2  N2 ? ? A DC 11 B DG 14 1_555 ? ? ? ? ? ? WATSON-CRICK ? ? ? 
hydrog28 hydrog ? ? A DG 12 N1 ? ? ? 1_555 B DC 1  N3 ? ? A DG 12 B DC 13 1_555 ? ? ? ? ? ? WATSON-CRICK ? ? ? 
hydrog29 hydrog ? ? A DG 12 N2 ? ? ? 1_555 B DC 1  O2 ? ? A DG 12 B DC 13 1_555 ? ? ? ? ? ? WATSON-CRICK ? ? ? 
hydrog30 hydrog ? ? A DG 12 O6 ? ? ? 1_555 B DC 1  N4 ? ? A DG 12 B DC 13 1_555 ? ? ? ? ? ? WATSON-CRICK ? ? ? 
# 
_struct_conn_type.id          hydrog 
_struct_conn_type.criteria    ? 
_struct_conn_type.reference   ? 
# 
loop_
_struct_site.id 
_struct_site.pdbx_evidence_code 
_struct_site.pdbx_auth_asym_id 
_struct_site.pdbx_auth_comp_id 
_struct_site.pdbx_auth_seq_id 
_struct_site.pdbx_auth_ins_code 
_struct_site.pdbx_num_residues 
_struct_site.details 
AC1                 Software B HT 25 ? 11 'BINDING SITE FOR RESIDUE HT B 25' 
'DRUG BINDING SITE' ?        ? ?  ?  ? ?  ?                                  
# 
loop_
_struct_site_gen.id 
_struct_site_gen.site_id 
_struct_site_gen.pdbx_num_res 
_struct_site_gen.label_comp_id 
_struct_site_gen.label_asym_id 
_struct_site_gen.label_seq_id 
_struct_site_gen.pdbx_auth_ins_code 
_struct_site_gen.auth_comp_id 
_struct_site_gen.auth_asym_id 
_struct_site_gen.auth_seq_id 
_struct_site_gen.label_atom_id 
_struct_site_gen.label_alt_id 
_struct_site_gen.symmetry 
_struct_site_gen.details 
1  AC1 11 DT A 7  ? DT A 7  . ? 1_555 ? 
2  AC1 11 DT A 8  ? DT A 8  . ? 1_555 ? 
3  AC1 11 DT A 9  ? DT A 9  . ? 1_555 ? 
4  AC1 11 DG A 10 ? DG A 10 . ? 1_555 ? 
5  AC1 11 DC A 11 ? DC A 11 . ? 1_555 ? 
6  AC1 11 DA B 5  ? DA B 17 . ? 1_555 ? 
7  AC1 11 DA B 6  ? DA B 18 . ? 1_555 ? 
8  AC1 11 DT B 7  ? DT B 19 . ? 1_555 ? 
9  AC1 11 DT B 8  ? DT B 20 . ? 1_555 ? 
10 AC1 11 DT B 9  ? DT B 21 . ? 1_555 ? 
11 AC1 11 DG B 12 ? DG B 24 . ? 2_664 ? 
# 
loop_
_pdbx_validate_rmsd_bond.id 
_pdbx_validate_rmsd_bond.PDB_model_num 
_pdbx_validate_rmsd_bond.auth_atom_id_1 
_pdbx_validate_rmsd_bond.auth_asym_id_1 
_pdbx_validate_rmsd_bond.auth_comp_id_1 
_pdbx_validate_rmsd_bond.auth_seq_id_1 
_pdbx_validate_rmsd_bond.PDB_ins_code_1 
_pdbx_validate_rmsd_bond.label_alt_id_1 
_pdbx_validate_rmsd_bond.auth_atom_id_2 
_pdbx_validate_rmsd_bond.auth_asym_id_2 
_pdbx_validate_rmsd_bond.auth_comp_id_2 
_pdbx_validate_rmsd_bond.auth_seq_id_2 
_pdbx_validate_rmsd_bond.PDB_ins_code_2 
_pdbx_validate_rmsd_bond.label_alt_id_2 
_pdbx_validate_rmsd_bond.bond_value 
_pdbx_validate_rmsd_bond.bond_target_value 
_pdbx_validate_rmsd_bond.bond_deviation 
_pdbx_validate_rmsd_bond.bond_standard_deviation 
_pdbx_validate_rmsd_bond.linker_flag 
1 1 P     A DC 1  ? ? "O5'" A DC 1  ? ? 0.957 1.593 -0.636 0.010 N 
2 1 "C3'" A DC 3  ? ? "C2'" A DC 3  ? ? 1.461 1.516 -0.055 0.008 N 
3 1 C6    A DT 7  ? ? N1    A DT 7  ? ? 1.320 1.378 -0.058 0.007 N 
4 1 P     A DG 12 ? ? "O5'" A DG 12 ? ? 1.668 1.593 0.075  0.010 N 
5 1 P     B DC 13 ? ? "O5'" B DC 13 ? ? 0.961 1.593 -0.632 0.010 N 
6 1 N3    B DA 17 ? ? C4    B DA 17 ? ? 1.386 1.344 0.042  0.006 N 
7 1 "C5'" B DT 20 ? ? "C4'" B DT 20 ? ? 1.567 1.512 0.055  0.007 N 
8 1 "C5'" B DG 22 ? ? "C4'" B DG 22 ? ? 1.581 1.512 0.069  0.007 N 
# 
loop_
_pdbx_validate_rmsd_angle.id 
_pdbx_validate_rmsd_angle.PDB_model_num 
_pdbx_validate_rmsd_angle.auth_atom_id_1 
_pdbx_validate_rmsd_angle.auth_asym_id_1 
_pdbx_validate_rmsd_angle.auth_comp_id_1 
_pdbx_validate_rmsd_angle.auth_seq_id_1 
_pdbx_validate_rmsd_angle.PDB_ins_code_1 
_pdbx_validate_rmsd_angle.label_alt_id_1 
_pdbx_validate_rmsd_angle.auth_atom_id_2 
_pdbx_validate_rmsd_angle.auth_asym_id_2 
_pdbx_validate_rmsd_angle.auth_comp_id_2 
_pdbx_validate_rmsd_angle.auth_seq_id_2 
_pdbx_validate_rmsd_angle.PDB_ins_code_2 
_pdbx_validate_rmsd_angle.label_alt_id_2 
_pdbx_validate_rmsd_angle.auth_atom_id_3 
_pdbx_validate_rmsd_angle.auth_asym_id_3 
_pdbx_validate_rmsd_angle.auth_comp_id_3 
_pdbx_validate_rmsd_angle.auth_seq_id_3 
_pdbx_validate_rmsd_angle.PDB_ins_code_3 
_pdbx_validate_rmsd_angle.label_alt_id_3 
_pdbx_validate_rmsd_angle.angle_value 
_pdbx_validate_rmsd_angle.angle_target_value 
_pdbx_validate_rmsd_angle.angle_deviation 
_pdbx_validate_rmsd_angle.angle_standard_deviation 
_pdbx_validate_rmsd_angle.linker_flag 
1  1 P     A DC 1  ? ? "O5'" A DC 1  ? ? "C5'" A DC 1  ? ? 103.89 120.90 -17.01 1.60 N 
2  1 "O4'" A DC 1  ? ? "C4'" A DC 1  ? ? "C3'" A DC 1  ? ? 101.20 104.50 -3.30  0.40 N 
3  1 "C1'" A DC 1  ? ? "O4'" A DC 1  ? ? "C4'" A DC 1  ? ? 115.36 110.30 5.06   0.70 N 
4  1 "O4'" A DC 1  ? ? "C1'" A DC 1  ? ? "C2'" A DC 1  ? ? 98.44  105.90 -7.46  0.80 N 
5  1 "C3'" A DC 1  ? ? "O3'" A DC 1  ? ? P     A DG 2  ? ? 135.29 119.70 15.59  1.20 Y 
6  1 P     A DG 2  ? ? "O5'" A DG 2  ? ? "C5'" A DG 2  ? ? 131.24 120.90 10.34  1.60 N 
7  1 "O4'" A DG 2  ? ? "C1'" A DG 2  ? ? N9    A DG 2  ? ? 113.88 108.30 5.58   0.30 N 
8  1 "C3'" A DG 2  ? ? "O3'" A DG 2  ? ? P     A DC 3  ? ? 129.02 119.70 9.32   1.20 Y 
9  1 "O4'" A DC 3  ? ? "C1'" A DC 3  ? ? "C2'" A DC 3  ? ? 99.28  105.90 -6.62  0.80 N 
10 1 "O4'" A DC 3  ? ? "C1'" A DC 3  ? ? N1    A DC 3  ? ? 112.93 108.30 4.63   0.30 N 
11 1 "O4'" A DA 4  ? ? "C1'" A DA 4  ? ? "C2'" A DA 4  ? ? 98.60  105.90 -7.30  0.80 N 
12 1 "O4'" A DA 4  ? ? "C1'" A DA 4  ? ? N9    A DA 4  ? ? 113.14 108.30 4.84   0.30 N 
13 1 N1    A DA 4  ? ? C2    A DA 4  ? ? N3    A DA 4  ? ? 133.60 129.30 4.30   0.50 N 
14 1 "C3'" A DA 4  ? ? "O3'" A DA 4  ? ? P     A DA 5  ? ? 131.17 119.70 11.47  1.20 Y 
15 1 "C4'" A DA 5  ? ? "C3'" A DA 5  ? ? "C2'" A DA 5  ? ? 93.77  102.20 -8.43  0.70 N 
16 1 "O4'" A DA 5  ? ? "C1'" A DA 5  ? ? "C2'" A DA 5  ? ? 100.25 105.90 -5.65  0.80 N 
17 1 "O4'" A DA 5  ? ? "C1'" A DA 5  ? ? N9    A DA 5  ? ? 112.60 108.30 4.30   0.30 N 
18 1 "C3'" A DA 5  ? ? "O3'" A DA 5  ? ? P     A DA 6  ? ? 129.24 119.70 9.54   1.20 Y 
19 1 "O4'" A DA 6  ? ? "C1'" A DA 6  ? ? N9    A DA 6  ? ? 113.58 108.30 5.28   0.30 N 
20 1 N7    A DA 6  ? ? C8    A DA 6  ? ? N9    A DA 6  ? ? 116.83 113.80 3.03   0.50 N 
21 1 "O4'" A DT 7  ? ? "C1'" A DT 7  ? ? "C2'" A DT 7  ? ? 97.31  105.90 -8.59  0.80 N 
22 1 N1    A DT 7  ? ? C2    A DT 7  ? ? N3    A DT 7  ? ? 119.10 114.60 4.50   0.60 N 
23 1 C4    A DT 7  ? ? C5    A DT 7  ? ? C6    A DT 7  ? ? 124.26 118.00 6.26   0.60 N 
24 1 N3    A DT 7  ? ? C2    A DT 7  ? ? O2    A DT 7  ? ? 116.68 122.30 -5.62  0.60 N 
25 1 "O5'" A DT 8  ? ? P     A DT 8  ? ? OP2   A DT 8  ? ? 100.21 105.70 -5.49  0.90 N 
26 1 "O4'" A DT 8  ? ? "C1'" A DT 8  ? ? N1    A DT 8  ? ? 112.13 108.30 3.83   0.30 N 
27 1 C6    A DT 8  ? ? C5    A DT 8  ? ? C7    A DT 8  ? ? 117.76 122.90 -5.14  0.60 N 
28 1 "O4'" A DT 9  ? ? "C4'" A DT 9  ? ? "C3'" A DT 9  ? ? 109.97 106.00 3.97   0.60 N 
29 1 C4    A DT 9  ? ? C5    A DT 9  ? ? C7    A DT 9  ? ? 123.15 119.00 4.15   0.60 N 
30 1 C6    A DT 9  ? ? C5    A DT 9  ? ? C7    A DT 9  ? ? 115.85 122.90 -7.05  0.60 N 
31 1 P     A DG 10 ? ? "O5'" A DG 10 ? ? "C5'" A DG 10 ? ? 108.85 120.90 -12.05 1.60 N 
32 1 "O4'" A DG 10 ? ? "C1'" A DG 10 ? ? "C2'" A DG 10 ? ? 101.02 105.90 -4.88  0.80 N 
33 1 "C3'" A DG 10 ? ? "O3'" A DG 10 ? ? P     A DC 11 ? ? 127.69 119.70 7.99   1.20 Y 
34 1 P     B DC 13 ? ? "O5'" B DC 13 ? ? "C5'" B DC 13 ? ? 107.40 120.90 -13.50 1.60 N 
35 1 "C4'" B DC 13 ? ? "C3'" B DC 13 ? ? "C2'" B DC 13 ? ? 97.12  102.20 -5.08  0.70 N 
36 1 N3    B DC 13 ? ? C4    B DC 13 ? ? N4    B DC 13 ? ? 123.23 118.00 5.23   0.70 N 
37 1 C5    B DC 13 ? ? C4    B DC 13 ? ? N4    B DC 13 ? ? 115.82 120.20 -4.38  0.70 N 
38 1 "C3'" B DC 13 ? ? "O3'" B DC 13 ? ? P     B DG 14 ? ? 129.73 119.70 10.03  1.20 Y 
39 1 "O4'" B DG 14 ? ? "C1'" B DG 14 ? ? N9    B DG 14 ? ? 114.23 108.30 5.93   0.30 N 
40 1 "C3'" B DC 15 ? ? "O3'" B DC 15 ? ? P     B DA 16 ? ? 127.96 119.70 8.26   1.20 Y 
41 1 "O4'" B DA 16 ? ? "C1'" B DA 16 ? ? N9    B DA 16 ? ? 113.32 108.30 5.02   0.30 N 
42 1 "C3'" B DA 16 ? ? "O3'" B DA 16 ? ? P     B DA 17 ? ? 131.24 119.70 11.54  1.20 Y 
43 1 P     B DA 17 ? ? "O5'" B DA 17 ? ? "C5'" B DA 17 ? ? 107.92 120.90 -12.98 1.60 N 
44 1 N7    B DA 17 ? ? C8    B DA 17 ? ? N9    B DA 17 ? ? 110.74 113.80 -3.06  0.50 N 
45 1 "O4'" B DA 18 ? ? "C1'" B DA 18 ? ? "C2'" B DA 18 ? ? 100.18 105.90 -5.72  0.80 N 
46 1 "O4'" B DA 18 ? ? "C1'" B DA 18 ? ? N9    B DA 18 ? ? 110.78 108.30 2.48   0.30 N 
47 1 "O4'" B DT 19 ? ? "C4'" B DT 19 ? ? "C3'" B DT 19 ? ? 101.97 104.50 -2.53  0.40 N 
48 1 "C1'" B DT 19 ? ? "O4'" B DT 19 ? ? "C4'" B DT 19 ? ? 100.59 110.10 -9.51  1.00 N 
49 1 "O4'" B DT 19 ? ? "C1'" B DT 19 ? ? "C2'" B DT 19 ? ? 93.41  105.90 -12.49 0.80 N 
50 1 "O4'" B DT 19 ? ? "C1'" B DT 19 ? ? N1    B DT 19 ? ? 115.08 108.30 6.78   0.30 N 
51 1 C4    B DT 19 ? ? C5    B DT 19 ? ? C6    B DT 19 ? ? 122.76 118.00 4.76   0.60 N 
52 1 C6    B DT 19 ? ? C5    B DT 19 ? ? C7    B DT 19 ? ? 117.80 122.90 -5.10  0.60 N 
53 1 "C4'" B DT 20 ? ? "C3'" B DT 20 ? ? "C2'" B DT 20 ? ? 96.37  102.20 -5.83  0.70 N 
54 1 "O4'" B DT 20 ? ? "C1'" B DT 20 ? ? "C2'" B DT 20 ? ? 93.66  105.90 -12.24 0.80 N 
55 1 "O4'" B DT 20 ? ? "C1'" B DT 20 ? ? N1    B DT 20 ? ? 114.53 108.30 6.23   0.30 N 
56 1 N3    B DT 20 ? ? C4    B DT 20 ? ? O4    B DT 20 ? ? 125.24 119.90 5.34   0.60 N 
57 1 "O4'" B DT 21 ? ? "C1'" B DT 21 ? ? "C2'" B DT 21 ? ? 100.91 105.90 -4.99  0.80 N 
58 1 N1    B DT 21 ? ? C2    B DT 21 ? ? N3    B DT 21 ? ? 121.76 114.60 7.16   0.60 N 
59 1 C2    B DT 21 ? ? N3    B DT 21 ? ? C4    B DT 21 ? ? 123.58 127.20 -3.62  0.60 N 
60 1 N3    B DT 21 ? ? C2    B DT 21 ? ? O2    B DT 21 ? ? 114.58 122.30 -7.72  0.60 N 
61 1 N3    B DT 21 ? ? C4    B DT 21 ? ? O4    B DT 21 ? ? 114.94 119.90 -4.96  0.60 N 
62 1 C5    B DT 21 ? ? C4    B DT 21 ? ? O4    B DT 21 ? ? 130.85 124.90 5.95   0.70 N 
63 1 C4    B DT 21 ? ? C5    B DT 21 ? ? C7    B DT 21 ? ? 123.00 119.00 4.00   0.60 N 
64 1 C6    B DT 21 ? ? C5    B DT 21 ? ? C7    B DT 21 ? ? 115.73 122.90 -7.17  0.60 N 
65 1 "O4'" B DG 22 ? ? "C1'" B DG 22 ? ? N9    B DG 22 ? ? 112.25 108.30 3.95   0.30 N 
66 1 "C4'" B DC 23 ? ? "C3'" B DC 23 ? ? "C2'" B DC 23 ? ? 96.72  102.20 -5.48  0.70 N 
67 1 "O4'" B DC 23 ? ? "C1'" B DC 23 ? ? N1    B DC 23 ? ? 120.97 108.30 12.67  0.30 N 
68 1 "O4'" B DG 24 ? ? "C4'" B DG 24 ? ? "C3'" B DG 24 ? ? 100.99 104.50 -3.51  0.40 N 
# 
loop_
_pdbx_validate_planes.id 
_pdbx_validate_planes.PDB_model_num 
_pdbx_validate_planes.auth_comp_id 
_pdbx_validate_planes.auth_asym_id 
_pdbx_validate_planes.auth_seq_id 
_pdbx_validate_planes.PDB_ins_code 
_pdbx_validate_planes.label_alt_id 
_pdbx_validate_planes.rmsd 
_pdbx_validate_planes.type 
1 1 DG B 14 ? ? 0.049 'SIDE CHAIN' 
2 1 DC B 15 ? ? 0.070 'SIDE CHAIN' 
# 
_struct_site_keywords.site_id   'DRUG BINDING SITE' 
_struct_site_keywords.text      'MINOR GROOVE BINDER' 
# 
loop_
_refine_B_iso.class 
_refine_B_iso.details 
_refine_B_iso.treatment 
_refine_B_iso.pdbx_refine_id 
'ALL ATOMS'  TF isotropic 'X-RAY DIFFRACTION' 
'ALL WATERS' TF isotropic 'X-RAY DIFFRACTION' 
# 
loop_
_refine_occupancy.class 
_refine_occupancy.treatment 
_refine_occupancy.pdbx_refine_id 
'ALL ATOMS'  fix 'X-RAY DIFFRACTION' 
'ALL WATERS' fix 'X-RAY DIFFRACTION' 
# 
loop_
_chem_comp_atom.comp_id 
_chem_comp_atom.atom_id 
_chem_comp_atom.type_symbol 
_chem_comp_atom.pdbx_aromatic_flag 
_chem_comp_atom.pdbx_stereo_config 
_chem_comp_atom.pdbx_ordinal 
DA  OP3    O N N 1   
DA  P      P N N 2   
DA  OP1    O N N 3   
DA  OP2    O N N 4   
DA  "O5'"  O N N 5   
DA  "C5'"  C N N 6   
DA  "C4'"  C N R 7   
DA  "O4'"  O N N 8   
DA  "C3'"  C N S 9   
DA  "O3'"  O N N 10  
DA  "C2'"  C N N 11  
DA  "C1'"  C N R 12  
DA  N9     N Y N 13  
DA  C8     C Y N 14  
DA  N7     N Y N 15  
DA  C5     C Y N 16  
DA  C6     C Y N 17  
DA  N6     N N N 18  
DA  N1     N Y N 19  
DA  C2     C Y N 20  
DA  N3     N Y N 21  
DA  C4     C Y N 22  
DA  HOP3   H N N 23  
DA  HOP2   H N N 24  
DA  "H5'"  H N N 25  
DA  "H5''" H N N 26  
DA  "H4'"  H N N 27  
DA  "H3'"  H N N 28  
DA  "HO3'" H N N 29  
DA  "H2'"  H N N 30  
DA  "H2''" H N N 31  
DA  "H1'"  H N N 32  
DA  H8     H N N 33  
DA  H61    H N N 34  
DA  H62    H N N 35  
DA  H2     H N N 36  
DC  OP3    O N N 37  
DC  P      P N N 38  
DC  OP1    O N N 39  
DC  OP2    O N N 40  
DC  "O5'"  O N N 41  
DC  "C5'"  C N N 42  
DC  "C4'"  C N R 43  
DC  "O4'"  O N N 44  
DC  "C3'"  C N S 45  
DC  "O3'"  O N N 46  
DC  "C2'"  C N N 47  
DC  "C1'"  C N R 48  
DC  N1     N N N 49  
DC  C2     C N N 50  
DC  O2     O N N 51  
DC  N3     N N N 52  
DC  C4     C N N 53  
DC  N4     N N N 54  
DC  C5     C N N 55  
DC  C6     C N N 56  
DC  HOP3   H N N 57  
DC  HOP2   H N N 58  
DC  "H5'"  H N N 59  
DC  "H5''" H N N 60  
DC  "H4'"  H N N 61  
DC  "H3'"  H N N 62  
DC  "HO3'" H N N 63  
DC  "H2'"  H N N 64  
DC  "H2''" H N N 65  
DC  "H1'"  H N N 66  
DC  H41    H N N 67  
DC  H42    H N N 68  
DC  H5     H N N 69  
DC  H6     H N N 70  
DG  OP3    O N N 71  
DG  P      P N N 72  
DG  OP1    O N N 73  
DG  OP2    O N N 74  
DG  "O5'"  O N N 75  
DG  "C5'"  C N N 76  
DG  "C4'"  C N R 77  
DG  "O4'"  O N N 78  
DG  "C3'"  C N S 79  
DG  "O3'"  O N N 80  
DG  "C2'"  C N N 81  
DG  "C1'"  C N R 82  
DG  N9     N Y N 83  
DG  C8     C Y N 84  
DG  N7     N Y N 85  
DG  C5     C Y N 86  
DG  C6     C N N 87  
DG  O6     O N N 88  
DG  N1     N N N 89  
DG  C2     C N N 90  
DG  N2     N N N 91  
DG  N3     N N N 92  
DG  C4     C Y N 93  
DG  HOP3   H N N 94  
DG  HOP2   H N N 95  
DG  "H5'"  H N N 96  
DG  "H5''" H N N 97  
DG  "H4'"  H N N 98  
DG  "H3'"  H N N 99  
DG  "HO3'" H N N 100 
DG  "H2'"  H N N 101 
DG  "H2''" H N N 102 
DG  "H1'"  H N N 103 
DG  H8     H N N 104 
DG  H1     H N N 105 
DG  H21    H N N 106 
DG  H22    H N N 107 
DT  OP3    O N N 108 
DT  P      P N N 109 
DT  OP1    O N N 110 
DT  OP2    O N N 111 
DT  "O5'"  O N N 112 
DT  "C5'"  C N N 113 
DT  "C4'"  C N R 114 
DT  "O4'"  O N N 115 
DT  "C3'"  C N S 116 
DT  "O3'"  O N N 117 
DT  "C2'"  C N N 118 
DT  "C1'"  C N R 119 
DT  N1     N N N 120 
DT  C2     C N N 121 
DT  O2     O N N 122 
DT  N3     N N N 123 
DT  C4     C N N 124 
DT  O4     O N N 125 
DT  C5     C N N 126 
DT  C7     C N N 127 
DT  C6     C N N 128 
DT  HOP3   H N N 129 
DT  HOP2   H N N 130 
DT  "H5'"  H N N 131 
DT  "H5''" H N N 132 
DT  "H4'"  H N N 133 
DT  "H3'"  H N N 134 
DT  "HO3'" H N N 135 
DT  "H2'"  H N N 136 
DT  "H2''" H N N 137 
DT  "H1'"  H N N 138 
DT  H3     H N N 139 
DT  H71    H N N 140 
DT  H72    H N N 141 
DT  H73    H N N 142 
DT  H6     H N N 143 
HOH O      O N N 144 
HOH H1     H N N 145 
HOH H2     H N N 146 
HT  O1     O N N 147 
HT  C1     C Y N 148 
HT  C4     C Y N 149 
HT  C2     C Y N 150 
HT  C3     C Y N 151 
HT  C6     C Y N 152 
HT  C5     C Y N 153 
HT  C7     C Y N 154 
HT  N1     N Y N 155 
HT  C8     C Y N 156 
HT  C9     C Y N 157 
HT  N2     N Y N 158 
HT  C10    C Y N 159 
HT  C11    C Y N 160 
HT  C12    C Y N 161 
HT  C13    C Y N 162 
HT  C14    C Y N 163 
HT  N3     N Y N 164 
HT  C15    C Y N 165 
HT  C16    C Y N 166 
HT  N4     N Y N 167 
HT  C17    C Y N 168 
HT  C18    C Y N 169 
HT  C19    C Y N 170 
HT  C20    C Y N 171 
HT  N5     N N N 172 
HT  C21    C N N 173 
HT  C22    C N N 174 
HT  N6     N N N 175 
HT  C23    C N N 176 
HT  C24    C N N 177 
HT  C25    C N N 178 
HT  HO1    H N N 179 
HT  H2     H N N 180 
HT  H3     H N N 181 
HT  H5     H N N 182 
HT  H6     H N N 183 
HT  HN1    H N N 184 
HT  H10    H N N 185 
HT  H11    H N N 186 
HT  H13    H N N 187 
HT  HN3    H N N 188 
HT  H17    H N N 189 
HT  H18    H N N 190 
HT  H20    H N N 191 
HT  H211   H N N 192 
HT  H212   H N N 193 
HT  H221   H N N 194 
HT  H222   H N N 195 
HT  H231   H N N 196 
HT  H232   H N N 197 
HT  H241   H N N 198 
HT  H242   H N N 199 
HT  H253   H N N 200 
HT  H252   H N N 201 
HT  H251   H N N 202 
# 
loop_
_chem_comp_bond.comp_id 
_chem_comp_bond.atom_id_1 
_chem_comp_bond.atom_id_2 
_chem_comp_bond.value_order 
_chem_comp_bond.pdbx_aromatic_flag 
_chem_comp_bond.pdbx_stereo_config 
_chem_comp_bond.pdbx_ordinal 
DA  OP3   P      sing N N 1   
DA  OP3   HOP3   sing N N 2   
DA  P     OP1    doub N N 3   
DA  P     OP2    sing N N 4   
DA  P     "O5'"  sing N N 5   
DA  OP2   HOP2   sing N N 6   
DA  "O5'" "C5'"  sing N N 7   
DA  "C5'" "C4'"  sing N N 8   
DA  "C5'" "H5'"  sing N N 9   
DA  "C5'" "H5''" sing N N 10  
DA  "C4'" "O4'"  sing N N 11  
DA  "C4'" "C3'"  sing N N 12  
DA  "C4'" "H4'"  sing N N 13  
DA  "O4'" "C1'"  sing N N 14  
DA  "C3'" "O3'"  sing N N 15  
DA  "C3'" "C2'"  sing N N 16  
DA  "C3'" "H3'"  sing N N 17  
DA  "O3'" "HO3'" sing N N 18  
DA  "C2'" "C1'"  sing N N 19  
DA  "C2'" "H2'"  sing N N 20  
DA  "C2'" "H2''" sing N N 21  
DA  "C1'" N9     sing N N 22  
DA  "C1'" "H1'"  sing N N 23  
DA  N9    C8     sing Y N 24  
DA  N9    C4     sing Y N 25  
DA  C8    N7     doub Y N 26  
DA  C8    H8     sing N N 27  
DA  N7    C5     sing Y N 28  
DA  C5    C6     sing Y N 29  
DA  C5    C4     doub Y N 30  
DA  C6    N6     sing N N 31  
DA  C6    N1     doub Y N 32  
DA  N6    H61    sing N N 33  
DA  N6    H62    sing N N 34  
DA  N1    C2     sing Y N 35  
DA  C2    N3     doub Y N 36  
DA  C2    H2     sing N N 37  
DA  N3    C4     sing Y N 38  
DC  OP3   P      sing N N 39  
DC  OP3   HOP3   sing N N 40  
DC  P     OP1    doub N N 41  
DC  P     OP2    sing N N 42  
DC  P     "O5'"  sing N N 43  
DC  OP2   HOP2   sing N N 44  
DC  "O5'" "C5'"  sing N N 45  
DC  "C5'" "C4'"  sing N N 46  
DC  "C5'" "H5'"  sing N N 47  
DC  "C5'" "H5''" sing N N 48  
DC  "C4'" "O4'"  sing N N 49  
DC  "C4'" "C3'"  sing N N 50  
DC  "C4'" "H4'"  sing N N 51  
DC  "O4'" "C1'"  sing N N 52  
DC  "C3'" "O3'"  sing N N 53  
DC  "C3'" "C2'"  sing N N 54  
DC  "C3'" "H3'"  sing N N 55  
DC  "O3'" "HO3'" sing N N 56  
DC  "C2'" "C1'"  sing N N 57  
DC  "C2'" "H2'"  sing N N 58  
DC  "C2'" "H2''" sing N N 59  
DC  "C1'" N1     sing N N 60  
DC  "C1'" "H1'"  sing N N 61  
DC  N1    C2     sing N N 62  
DC  N1    C6     sing N N 63  
DC  C2    O2     doub N N 64  
DC  C2    N3     sing N N 65  
DC  N3    C4     doub N N 66  
DC  C4    N4     sing N N 67  
DC  C4    C5     sing N N 68  
DC  N4    H41    sing N N 69  
DC  N4    H42    sing N N 70  
DC  C5    C6     doub N N 71  
DC  C5    H5     sing N N 72  
DC  C6    H6     sing N N 73  
DG  OP3   P      sing N N 74  
DG  OP3   HOP3   sing N N 75  
DG  P     OP1    doub N N 76  
DG  P     OP2    sing N N 77  
DG  P     "O5'"  sing N N 78  
DG  OP2   HOP2   sing N N 79  
DG  "O5'" "C5'"  sing N N 80  
DG  "C5'" "C4'"  sing N N 81  
DG  "C5'" "H5'"  sing N N 82  
DG  "C5'" "H5''" sing N N 83  
DG  "C4'" "O4'"  sing N N 84  
DG  "C4'" "C3'"  sing N N 85  
DG  "C4'" "H4'"  sing N N 86  
DG  "O4'" "C1'"  sing N N 87  
DG  "C3'" "O3'"  sing N N 88  
DG  "C3'" "C2'"  sing N N 89  
DG  "C3'" "H3'"  sing N N 90  
DG  "O3'" "HO3'" sing N N 91  
DG  "C2'" "C1'"  sing N N 92  
DG  "C2'" "H2'"  sing N N 93  
DG  "C2'" "H2''" sing N N 94  
DG  "C1'" N9     sing N N 95  
DG  "C1'" "H1'"  sing N N 96  
DG  N9    C8     sing Y N 97  
DG  N9    C4     sing Y N 98  
DG  C8    N7     doub Y N 99  
DG  C8    H8     sing N N 100 
DG  N7    C5     sing Y N 101 
DG  C5    C6     sing N N 102 
DG  C5    C4     doub Y N 103 
DG  C6    O6     doub N N 104 
DG  C6    N1     sing N N 105 
DG  N1    C2     sing N N 106 
DG  N1    H1     sing N N 107 
DG  C2    N2     sing N N 108 
DG  C2    N3     doub N N 109 
DG  N2    H21    sing N N 110 
DG  N2    H22    sing N N 111 
DG  N3    C4     sing N N 112 
DT  OP3   P      sing N N 113 
DT  OP3   HOP3   sing N N 114 
DT  P     OP1    doub N N 115 
DT  P     OP2    sing N N 116 
DT  P     "O5'"  sing N N 117 
DT  OP2   HOP2   sing N N 118 
DT  "O5'" "C5'"  sing N N 119 
DT  "C5'" "C4'"  sing N N 120 
DT  "C5'" "H5'"  sing N N 121 
DT  "C5'" "H5''" sing N N 122 
DT  "C4'" "O4'"  sing N N 123 
DT  "C4'" "C3'"  sing N N 124 
DT  "C4'" "H4'"  sing N N 125 
DT  "O4'" "C1'"  sing N N 126 
DT  "C3'" "O3'"  sing N N 127 
DT  "C3'" "C2'"  sing N N 128 
DT  "C3'" "H3'"  sing N N 129 
DT  "O3'" "HO3'" sing N N 130 
DT  "C2'" "C1'"  sing N N 131 
DT  "C2'" "H2'"  sing N N 132 
DT  "C2'" "H2''" sing N N 133 
DT  "C1'" N1     sing N N 134 
DT  "C1'" "H1'"  sing N N 135 
DT  N1    C2     sing N N 136 
DT  N1    C6     sing N N 137 
DT  C2    O2     doub N N 138 
DT  C2    N3     sing N N 139 
DT  N3    C4     sing N N 140 
DT  N3    H3     sing N N 141 
DT  C4    O4     doub N N 142 
DT  C4    C5     sing N N 143 
DT  C5    C7     sing N N 144 
DT  C5    C6     doub N N 145 
DT  C7    H71    sing N N 146 
DT  C7    H72    sing N N 147 
DT  C7    H73    sing N N 148 
DT  C6    H6     sing N N 149 
HOH O     H1     sing N N 150 
HOH O     H2     sing N N 151 
HT  O1    C1     sing N N 152 
HT  O1    HO1    sing N N 153 
HT  C1    C2     doub Y N 154 
HT  C1    C6     sing Y N 155 
HT  C2    C3     sing Y N 156 
HT  C2    H2     sing N N 157 
HT  C3    C4     doub Y N 158 
HT  C3    H3     sing N N 159 
HT  C4    C5     sing Y N 160 
HT  C4    C7     sing Y N 161 
HT  C5    C6     doub Y N 162 
HT  C5    H5     sing N N 163 
HT  C6    H6     sing N N 164 
HT  C7    N1     sing Y N 165 
HT  C7    N2     doub Y N 166 
HT  N1    C8     sing Y N 167 
HT  N1    HN1    sing N N 168 
HT  C8    C9     doub Y N 169 
HT  C8    C13    sing Y N 170 
HT  C9    N2     sing Y N 171 
HT  C9    C10    sing Y N 172 
HT  C10   C11    doub Y N 173 
HT  C10   H10    sing N N 174 
HT  C11   C12    sing Y N 175 
HT  C11   H11    sing N N 176 
HT  C12   C13    doub Y N 177 
HT  C12   C14    sing Y N 178 
HT  C13   H13    sing N N 179 
HT  C14   N3     sing Y N 180 
HT  C14   N4     doub Y N 181 
HT  N3    C15    sing Y N 182 
HT  N3    HN3    sing N N 183 
HT  C15   C16    doub Y N 184 
HT  C15   C20    sing Y N 185 
HT  C16   N4     sing Y N 186 
HT  C16   C17    sing Y N 187 
HT  C17   C18    doub Y N 188 
HT  C17   H17    sing N N 189 
HT  C18   C19    sing Y N 190 
HT  C18   H18    sing N N 191 
HT  C19   C20    doub Y N 192 
HT  C19   N5     sing N N 193 
HT  C20   H20    sing N N 194 
HT  N5    C21    sing N N 195 
HT  N5    C24    sing N N 196 
HT  C21   C22    sing N N 197 
HT  C21   H211   sing N N 198 
HT  C21   H212   sing N N 199 
HT  C22   N6     sing N N 200 
HT  C22   H221   sing N N 201 
HT  C22   H222   sing N N 202 
HT  N6    C23    sing N N 203 
HT  N6    C25    sing N N 204 
HT  C23   C24    sing N N 205 
HT  C23   H231   sing N N 206 
HT  C23   H232   sing N N 207 
HT  C24   H241   sing N N 208 
HT  C24   H242   sing N N 209 
HT  C25   H253   sing N N 210 
HT  C25   H252   sing N N 211 
HT  C25   H251   sing N N 212 
# 
_ndb_struct_conf_na.entry_id   296D 
_ndb_struct_conf_na.feature    'b-form double helix' 
# 
loop_
_ndb_struct_na_base_pair.model_number 
_ndb_struct_na_base_pair.i_label_asym_id 
_ndb_struct_na_base_pair.i_label_comp_id 
_ndb_struct_na_base_pair.i_label_seq_id 
_ndb_struct_na_base_pair.i_symmetry 
_ndb_struct_na_base_pair.j_label_asym_id 
_ndb_struct_na_base_pair.j_label_comp_id 
_ndb_struct_na_base_pair.j_label_seq_id 
_ndb_struct_na_base_pair.j_symmetry 
_ndb_struct_na_base_pair.shear 
_ndb_struct_na_base_pair.stretch 
_ndb_struct_na_base_pair.stagger 
_ndb_struct_na_base_pair.buckle 
_ndb_struct_na_base_pair.propeller 
_ndb_struct_na_base_pair.opening 
_ndb_struct_na_base_pair.pair_number 
_ndb_struct_na_base_pair.pair_name 
_ndb_struct_na_base_pair.i_auth_asym_id 
_ndb_struct_na_base_pair.i_auth_seq_id 
_ndb_struct_na_base_pair.i_PDB_ins_code 
_ndb_struct_na_base_pair.j_auth_asym_id 
_ndb_struct_na_base_pair.j_auth_seq_id 
_ndb_struct_na_base_pair.j_PDB_ins_code 
_ndb_struct_na_base_pair.hbond_type_28 
_ndb_struct_na_base_pair.hbond_type_12 
1 A DC 1  1_555 B DG 12 1_555 -0.057 -0.030 -0.380 14.795  -6.976  0.917  1  A_DC1:DG24_B  A 1  ? B 24 ? 19 1 
1 A DG 2  1_555 B DC 11 1_555 0.135  -0.309 0.680  8.993   -13.035 -7.229 2  A_DG2:DC23_B  A 2  ? B 23 ? 19 1 
1 A DC 3  1_555 B DG 10 1_555 -0.579 -0.318 0.122  0.473   -8.149  -5.590 3  A_DC3:DG22_B  A 3  ? B 22 ? 19 1 
1 A DA 4  1_555 B DT 9  1_555 0.364  -0.210 -0.034 8.065   -8.964  0.608  4  A_DA4:DT21_B  A 4  ? B 21 ? 20 1 
1 A DA 5  1_555 B DT 8  1_555 0.243  -0.225 0.252  11.421  -15.707 -0.232 5  A_DA5:DT20_B  A 5  ? B 20 ? 20 1 
1 A DA 6  1_555 B DT 7  1_555 0.033  -0.342 0.095  0.704   -26.255 1.403  6  A_DA6:DT19_B  A 6  ? B 19 ? 20 1 
1 A DT 7  1_555 B DA 6  1_555 0.055  -0.213 -0.060 -2.611  -22.063 -1.952 7  A_DT7:DA18_B  A 7  ? B 18 ? 20 1 
1 A DT 8  1_555 B DA 5  1_555 0.448  -0.368 0.137  -10.480 -15.995 1.152  8  A_DT8:DA17_B  A 8  ? B 17 ? 20 1 
1 A DT 9  1_555 B DA 4  1_555 0.232  -0.291 -0.291 -9.550  -15.872 -1.456 9  A_DT9:DA16_B  A 9  ? B 16 ? 20 1 
1 A DG 10 1_555 B DC 3  1_555 -0.579 0.033  0.405  10.136  1.211   3.163  10 A_DG10:DC15_B A 10 ? B 15 ? 19 1 
1 A DC 11 1_555 B DG 2  1_555 0.049  -0.240 0.744  -2.634  -20.747 -2.410 11 A_DC11:DG14_B A 11 ? B 14 ? 19 1 
1 A DG 12 1_555 B DC 1  1_555 -0.079 -0.318 0.171  9.788   1.430   -6.478 12 A_DG12:DC13_B A 12 ? B 13 ? 19 1 
# 
loop_
_ndb_struct_na_base_pair_step.model_number 
_ndb_struct_na_base_pair_step.i_label_asym_id_1 
_ndb_struct_na_base_pair_step.i_label_comp_id_1 
_ndb_struct_na_base_pair_step.i_label_seq_id_1 
_ndb_struct_na_base_pair_step.i_symmetry_1 
_ndb_struct_na_base_pair_step.j_label_asym_id_1 
_ndb_struct_na_base_pair_step.j_label_comp_id_1 
_ndb_struct_na_base_pair_step.j_label_seq_id_1 
_ndb_struct_na_base_pair_step.j_symmetry_1 
_ndb_struct_na_base_pair_step.i_label_asym_id_2 
_ndb_struct_na_base_pair_step.i_label_comp_id_2 
_ndb_struct_na_base_pair_step.i_label_seq_id_2 
_ndb_struct_na_base_pair_step.i_symmetry_2 
_ndb_struct_na_base_pair_step.j_label_asym_id_2 
_ndb_struct_na_base_pair_step.j_label_comp_id_2 
_ndb_struct_na_base_pair_step.j_label_seq_id_2 
_ndb_struct_na_base_pair_step.j_symmetry_2 
_ndb_struct_na_base_pair_step.shift 
_ndb_struct_na_base_pair_step.slide 
_ndb_struct_na_base_pair_step.rise 
_ndb_struct_na_base_pair_step.tilt 
_ndb_struct_na_base_pair_step.roll 
_ndb_struct_na_base_pair_step.twist 
_ndb_struct_na_base_pair_step.x_displacement 
_ndb_struct_na_base_pair_step.y_displacement 
_ndb_struct_na_base_pair_step.helical_rise 
_ndb_struct_na_base_pair_step.inclination 
_ndb_struct_na_base_pair_step.tip 
_ndb_struct_na_base_pair_step.helical_twist 
_ndb_struct_na_base_pair_step.step_number 
_ndb_struct_na_base_pair_step.step_name 
_ndb_struct_na_base_pair_step.i_auth_asym_id_1 
_ndb_struct_na_base_pair_step.i_auth_seq_id_1 
_ndb_struct_na_base_pair_step.i_PDB_ins_code_1 
_ndb_struct_na_base_pair_step.j_auth_asym_id_1 
_ndb_struct_na_base_pair_step.j_auth_seq_id_1 
_ndb_struct_na_base_pair_step.j_PDB_ins_code_1 
_ndb_struct_na_base_pair_step.i_auth_asym_id_2 
_ndb_struct_na_base_pair_step.i_auth_seq_id_2 
_ndb_struct_na_base_pair_step.i_PDB_ins_code_2 
_ndb_struct_na_base_pair_step.j_auth_asym_id_2 
_ndb_struct_na_base_pair_step.j_auth_seq_id_2 
_ndb_struct_na_base_pair_step.j_PDB_ins_code_2 
1 A DC 1  1_555 B DG 12 1_555 A DG 2  1_555 B DC 11 1_555 -0.452 0.132  3.628 -9.905 2.622   37.799 -0.159 -0.669 3.629 3.958   
14.956 39.114 1  AA_DC1DG2:DC23DG24_BB   A 1  ? B 24 ? A 2  ? B 23 ? 
1 A DG 2  1_555 B DC 11 1_555 A DC 3  1_555 B DG 10 1_555 0.685  0.005  3.640 5.659  -6.373  33.975 1.093  -0.174 3.643 -10.699 
-9.501 34.997 2  AA_DG2DC3:DG22DC23_BB   A 2  ? B 23 ? A 3  ? B 22 ? 
1 A DC 3  1_555 B DG 10 1_555 A DA 4  1_555 B DT 9  1_555 -0.202 0.965  3.283 2.300  8.937   35.470 0.260  0.650  3.399 14.372  
-3.698 36.613 3  AA_DC3DA4:DT21DG22_BB   A 3  ? B 22 ? A 4  ? B 21 ? 
1 A DA 4  1_555 B DT 9  1_555 A DA 5  1_555 B DT 8  1_555 -0.390 -0.175 3.310 -2.924 -0.230  33.864 -0.261 0.191  3.332 -0.394  
5.008  33.987 4  AA_DA4DA5:DT20DT21_BB   A 4  ? B 21 ? A 5  ? B 20 ? 
1 A DA 5  1_555 B DT 8  1_555 A DA 6  1_555 B DT 7  1_555 0.192  -0.065 3.565 0.285  3.340   38.771 -0.539 -0.251 3.549 5.020   
-0.428 38.910 5  AA_DA5DA6:DT19DT20_BB   A 5  ? B 20 ? A 6  ? B 19 ? 
1 A DA 6  1_555 B DT 7  1_555 A DT 7  1_555 B DA 6  1_555 -0.139 -0.700 3.281 -1.109 -0.333  31.025 -1.244 0.046  3.291 -0.622  
2.073  31.046 6  AA_DA6DT7:DA18DT19_BB   A 6  ? B 19 ? A 7  ? B 18 ? 
1 A DT 7  1_555 B DA 6  1_555 A DT 8  1_555 B DA 5  1_555 -0.094 -0.050 3.495 0.076  1.966   38.451 -0.336 0.152  3.488 2.983   
-0.115 38.500 7  AA_DT7DT8:DA17DA18_BB   A 7  ? B 18 ? A 8  ? B 17 ? 
1 A DT 8  1_555 B DA 5  1_555 A DT 9  1_555 B DA 4  1_555 -0.124 0.080  3.216 5.871  1.584   38.719 -0.067 0.874  3.166 2.371   
-8.790 39.175 8  AA_DT8DT9:DA16DA17_BB   A 8  ? B 17 ? A 9  ? B 16 ? 
1 A DT 9  1_555 B DA 4  1_555 A DG 10 1_555 B DC 3  1_555 0.279  1.372  2.947 -7.275 1.211   26.644 2.608  -2.177 2.831 2.565   
15.415 27.628 9  AA_DT9DG10:DC15DA16_BB  A 9  ? B 16 ? A 10 ? B 15 ? 
1 A DG 10 1_555 B DC 3  1_555 A DC 11 1_555 B DG 2  1_555 -0.941 0.431  3.847 -2.069 -13.816 41.202 2.147  1.038  3.572 -18.986 
2.844  43.408 10 AA_DG10DC11:DG14DC15_BB A 10 ? B 15 ? A 11 ? B 14 ? 
1 A DC 11 1_555 B DG 2  1_555 A DG 12 1_555 B DC 1  1_555 0.335  0.346  3.113 5.666  -1.214  37.123 0.689  0.187  3.117 -1.893  
-8.833 37.557 11 AA_DC11DG12:DC13DG14_BB A 11 ? B 14 ? A 12 ? B 13 ? 
# 
_atom_sites.entry_id                    296D 
_atom_sites.fract_transf_matrix[1][1]   -0.03313653 
_atom_sites.fract_transf_matrix[1][2]   -0.00811172 
_atom_sites.fract_transf_matrix[1][3]   0.02005473 
_atom_sites.fract_transf_matrix[2][1]   -0.00691042 
_atom_sites.fract_transf_matrix[2][2]   -0.01516237 
_atom_sites.fract_transf_matrix[2][3]   -0.01755099 
_atom_sites.fract_transf_matrix[3][1]   0.00715978 
_atom_sites.fract_transf_matrix[3][2]   -0.01154949 
_atom_sites.fract_transf_matrix[3][3]   0.00715861 
_atom_sites.fract_transf_vector[1]      0.567706 
_atom_sites.fract_transf_vector[2]      0.522387 
_atom_sites.fract_transf_vector[3]      0.119231 
# 
loop_
_atom_type.symbol 
C 
N 
O 
P 
# 
loop_
_atom_site.group_PDB 
_atom_site.id 
_atom_site.type_symbol 
_atom_site.label_atom_id 
_atom_site.label_alt_id 
_atom_site.label_comp_id 
_atom_site.label_asym_id 
_atom_site.label_entity_id 
_atom_site.label_seq_id 
_atom_site.pdbx_PDB_ins_code 
_atom_site.Cartn_x 
_atom_site.Cartn_y 
_atom_site.Cartn_z 
_atom_site.occupancy 
_atom_site.B_iso_or_equiv 
_atom_site.pdbx_formal_charge 
_atom_site.auth_seq_id 
_atom_site.auth_comp_id 
_atom_site.auth_asym_id 
_atom_site.auth_atom_id 
_atom_site.pdbx_PDB_model_num 
ATOM   1   P P     . DC  A 1 1  ? 1.444   -20.441 1.963   1.00 30.00  ? 1  DC  A P     1 
ATOM   2   O "O5'" . DC  A 1 1  ? 1.231   -21.325 1.663   1.00 41.35  ? 1  DC  A "O5'" 1 
ATOM   3   C "C5'" . DC  A 1 1  ? -0.100  -21.185 1.073   1.00 31.04  ? 1  DC  A "C5'" 1 
ATOM   4   C "C4'" . DC  A 1 1  ? -1.005  -20.544 2.026   1.00 26.68  ? 1  DC  A "C4'" 1 
ATOM   5   O "O4'" . DC  A 1 1  ? -0.239  -19.946 3.095   1.00 26.54  ? 1  DC  A "O4'" 1 
ATOM   6   C "C3'" . DC  A 1 1  ? -1.649  -19.364 1.443   1.00 28.80  ? 1  DC  A "C3'" 1 
ATOM   7   O "O3'" . DC  A 1 1  ? -2.742  -19.271 2.345   1.00 31.82  ? 1  DC  A "O3'" 1 
ATOM   8   C "C2'" . DC  A 1 1  ? -0.536  -18.368 1.567   1.00 24.43  ? 1  DC  A "C2'" 1 
ATOM   9   C "C1'" . DC  A 1 1  ? -0.007  -18.556 2.971   1.00 22.33  ? 1  DC  A "C1'" 1 
ATOM   10  N N1    . DC  A 1 1  ? 1.461   -18.322 3.116   1.00 22.13  ? 1  DC  A N1    1 
ATOM   11  C C2    . DC  A 1 1  ? 2.026   -18.183 4.382   1.00 17.85  ? 1  DC  A C2    1 
ATOM   12  O O2    . DC  A 1 1  ? 1.348   -18.171 5.390   1.00 14.20  ? 1  DC  A O2    1 
ATOM   13  N N3    . DC  A 1 1  ? 3.370   -18.005 4.492   1.00 15.72  ? 1  DC  A N3    1 
ATOM   14  C C4    . DC  A 1 1  ? 4.146   -17.966 3.397   1.00 20.87  ? 1  DC  A C4    1 
ATOM   15  N N4    . DC  A 1 1  ? 5.466   -17.810 3.527   1.00 26.24  ? 1  DC  A N4    1 
ATOM   16  C C5    . DC  A 1 1  ? 3.609   -18.099 2.079   1.00 23.17  ? 1  DC  A C5    1 
ATOM   17  C C6    . DC  A 1 1  ? 2.272   -18.272 1.986   1.00 26.06  ? 1  DC  A C6    1 
ATOM   18  P P     . DG  A 1 2  ? -3.988  -18.280 2.526   1.00 36.71  ? 2  DG  A P     1 
ATOM   19  O OP1   . DG  A 1 2  ? -5.200  -19.137 2.685   1.00 30.04  ? 2  DG  A OP1   1 
ATOM   20  O OP2   . DG  A 1 2  ? -3.861  -17.176 1.522   1.00 35.36  ? 2  DG  A OP2   1 
ATOM   21  O "O5'" . DG  A 1 2  ? -3.557  -17.607 3.907   1.00 34.63  ? 2  DG  A "O5'" 1 
ATOM   22  C "C5'" . DG  A 1 2  ? -4.122  -17.681 5.186   1.00 26.99  ? 2  DG  A "C5'" 1 
ATOM   23  C "C4'" . DG  A 1 2  ? -3.736  -16.443 5.919   1.00 24.17  ? 2  DG  A "C4'" 1 
ATOM   24  O "O4'" . DG  A 1 2  ? -2.312  -16.248 5.980   1.00 23.14  ? 2  DG  A "O4'" 1 
ATOM   25  C "C3'" . DG  A 1 2  ? -4.292  -15.228 5.188   1.00 26.43  ? 2  DG  A "C3'" 1 
ATOM   26  O "O3'" . DG  A 1 2  ? -4.523  -14.377 6.259   1.00 32.21  ? 2  DG  A "O3'" 1 
ATOM   27  C "C2'" . DG  A 1 2  ? -3.091  -14.775 4.393   1.00 24.31  ? 2  DG  A "C2'" 1 
ATOM   28  C "C1'" . DG  A 1 2  ? -1.991  -14.946 5.431   1.00 22.77  ? 2  DG  A "C1'" 1 
ATOM   29  N N9    . DG  A 1 2  ? -0.669  -14.883 4.777   1.00 18.92  ? 2  DG  A N9    1 
ATOM   30  C C8    . DG  A 1 2  ? -0.428  -15.103 3.461   1.00 19.79  ? 2  DG  A C8    1 
ATOM   31  N N7    . DG  A 1 2  ? 0.795   -14.925 3.105   1.00 20.59  ? 2  DG  A N7    1 
ATOM   32  C C5    . DG  A 1 2  ? 1.443   -14.553 4.283   1.00 17.56  ? 2  DG  A C5    1 
ATOM   33  C C6    . DG  A 1 2  ? 2.814   -14.201 4.449   1.00 19.64  ? 2  DG  A C6    1 
ATOM   34  O O6    . DG  A 1 2  ? 3.688   -14.162 3.574   1.00 25.62  ? 2  DG  A O6    1 
ATOM   35  N N1    . DG  A 1 2  ? 3.071   -13.856 5.769   1.00 18.60  ? 2  DG  A N1    1 
ATOM   36  C C2    . DG  A 1 2  ? 2.125   -13.857 6.757   1.00 13.60  ? 2  DG  A C2    1 
ATOM   37  N N2    . DG  A 1 2  ? 2.530   -13.478 7.955   1.00 13.97  ? 2  DG  A N2    1 
ATOM   38  N N3    . DG  A 1 2  ? 0.852   -14.185 6.592   1.00 19.58  ? 2  DG  A N3    1 
ATOM   39  C C4    . DG  A 1 2  ? 0.565   -14.523 5.318   1.00 19.13  ? 2  DG  A C4    1 
ATOM   40  P P     . DC  A 1 3  ? -5.734  -13.421 6.514   1.00 34.21  ? 3  DC  A P     1 
ATOM   41  O OP1   . DC  A 1 3  ? -6.707  -14.118 7.403   1.00 33.55  ? 3  DC  A OP1   1 
ATOM   42  O OP2   . DC  A 1 3  ? -6.106  -12.922 5.170   1.00 32.71  ? 3  DC  A OP2   1 
ATOM   43  O "O5'" . DC  A 1 3  ? -4.942  -12.278 7.306   1.00 31.99  ? 3  DC  A "O5'" 1 
ATOM   44  C "C5'" . DC  A 1 3  ? -4.399  -12.410 8.629   1.00 29.78  ? 3  DC  A "C5'" 1 
ATOM   45  C "C4'" . DC  A 1 3  ? -3.187  -11.470 8.777   1.00 26.14  ? 3  DC  A "C4'" 1 
ATOM   46  O "O4'" . DC  A 1 3  ? -2.074  -11.881 7.962   1.00 22.04  ? 3  DC  A "O4'" 1 
ATOM   47  C "C3'" . DC  A 1 3  ? -3.605  -10.094 8.300   1.00 26.13  ? 3  DC  A "C3'" 1 
ATOM   48  O "O3'" . DC  A 1 3  ? -3.201  -9.034  9.114   1.00 30.19  ? 3  DC  A "O3'" 1 
ATOM   49  C "C2'" . DC  A 1 3  ? -2.761  -9.960  7.115   1.00 23.20  ? 3  DC  A "C2'" 1 
ATOM   50  C "C1'" . DC  A 1 3  ? -1.510  -10.719 7.406   1.00 19.20  ? 3  DC  A "C1'" 1 
ATOM   51  N N1    . DC  A 1 3  ? -0.836  -10.965 6.139   1.00 18.35  ? 3  DC  A N1    1 
ATOM   52  C C2    . DC  A 1 3  ? 0.532   -10.796 6.087   1.00 20.96  ? 3  DC  A C2    1 
ATOM   53  O O2    . DC  A 1 3  ? 1.173   -10.569 7.110   1.00 24.39  ? 3  DC  A O2    1 
ATOM   54  N N3    . DC  A 1 3  ? 1.183   -10.892 4.893   1.00 19.06  ? 3  DC  A N3    1 
ATOM   55  C C4    . DC  A 1 3  ? 0.455   -11.156 3.792   1.00 20.19  ? 3  DC  A C4    1 
ATOM   56  N N4    . DC  A 1 3  ? 1.054   -11.262 2.595   1.00 23.38  ? 3  DC  A N4    1 
ATOM   57  C C5    . DC  A 1 3  ? -0.961  -11.344 3.834   1.00 13.37  ? 3  DC  A C5    1 
ATOM   58  C C6    . DC  A 1 3  ? -1.549  -11.243 5.029   1.00 15.47  ? 3  DC  A C6    1 
ATOM   59  P P     . DA  A 1 4  ? -4.198  -7.804  9.414   1.00 30.77  ? 4  DA  A P     1 
ATOM   60  O OP1   . DA  A 1 4  ? -5.247  -8.211  10.345  1.00 27.27  ? 4  DA  A OP1   1 
ATOM   61  O OP2   . DA  A 1 4  ? -4.609  -7.156  8.125   1.00 36.10  ? 4  DA  A OP2   1 
ATOM   62  O "O5'" . DA  A 1 4  ? -3.230  -6.764  10.131  1.00 25.27  ? 4  DA  A "O5'" 1 
ATOM   63  C "C5'" . DA  A 1 4  ? -2.326  -7.121  11.126  1.00 26.93  ? 4  DA  A "C5'" 1 
ATOM   64  C "C4'" . DA  A 1 4  ? -1.010  -6.494  10.825  1.00 27.46  ? 4  DA  A "C4'" 1 
ATOM   65  O "O4'" . DA  A 1 4  ? -0.432  -7.051  9.658   1.00 23.02  ? 4  DA  A "O4'" 1 
ATOM   66  C "C3'" . DA  A 1 4  ? -1.208  -5.010  10.521  1.00 32.01  ? 4  DA  A "C3'" 1 
ATOM   67  O "O3'" . DA  A 1 4  ? -0.053  -4.251  10.740  1.00 43.43  ? 4  DA  A "O3'" 1 
ATOM   68  C "C2'" . DA  A 1 4  ? -1.248  -5.062  9.036   1.00 28.19  ? 4  DA  A "C2'" 1 
ATOM   69  C "C1'" . DA  A 1 4  ? -0.144  -6.024  8.682   1.00 23.57  ? 4  DA  A "C1'" 1 
ATOM   70  N N9    . DA  A 1 4  ? -0.358  -6.465  7.302   1.00 21.75  ? 4  DA  A N9    1 
ATOM   71  C C8    . DA  A 1 4  ? -1.573  -6.799  6.718   1.00 24.62  ? 4  DA  A C8    1 
ATOM   72  N N7    . DA  A 1 4  ? -1.489  -7.272  5.499   1.00 21.14  ? 4  DA  A N7    1 
ATOM   73  C C5    . DA  A 1 4  ? -0.107  -7.245  5.236   1.00 17.47  ? 4  DA  A C5    1 
ATOM   74  C C6    . DA  A 1 4  ? 0.623   -7.626  4.105   1.00 17.12  ? 4  DA  A C6    1 
ATOM   75  N N6    . DA  A 1 4  ? 0.035   -8.068  2.995   1.00 18.38  ? 4  DA  A N6    1 
ATOM   76  N N1    . DA  A 1 4  ? 1.950   -7.502  4.133   1.00 16.30  ? 4  DA  A N1    1 
ATOM   77  C C2    . DA  A 1 4  ? 2.449   -7.004  5.269   1.00 16.73  ? 4  DA  A C2    1 
ATOM   78  N N3    . DA  A 1 4  ? 1.900   -6.591  6.408   1.00 16.12  ? 4  DA  A N3    1 
ATOM   79  C C4    . DA  A 1 4  ? 0.583   -6.747  6.327   1.00 18.78  ? 4  DA  A C4    1 
ATOM   80  P P     . DA  A 1 5  ? 0.288   -3.141  11.853  1.00 48.42  ? 5  DA  A P     1 
ATOM   81  O OP1   . DA  A 1 5  ? 0.682   -3.736  13.167  1.00 51.58  ? 5  DA  A OP1   1 
ATOM   82  O OP2   . DA  A 1 5  ? -0.798  -2.126  11.808  1.00 47.87  ? 5  DA  A OP2   1 
ATOM   83  O "O5'" . DA  A 1 5  ? 1.647   -2.543  11.191  1.00 43.27  ? 5  DA  A "O5'" 1 
ATOM   84  C "C5'" . DA  A 1 5  ? 2.580   -3.468  10.586  1.00 37.95  ? 5  DA  A "C5'" 1 
ATOM   85  C "C4'" . DA  A 1 5  ? 3.637   -2.894  9.647   1.00 33.16  ? 5  DA  A "C4'" 1 
ATOM   86  O "O4'" . DA  A 1 5  ? 3.434   -3.398  8.302   1.00 31.01  ? 5  DA  A "O4'" 1 
ATOM   87  C "C3'" . DA  A 1 5  ? 3.569   -1.403  9.589   1.00 31.65  ? 5  DA  A "C3'" 1 
ATOM   88  O "O3'" . DA  A 1 5  ? 4.839   -1.082  9.021   1.00 35.07  ? 5  DA  A "O3'" 1 
ATOM   89  C "C2'" . DA  A 1 5  ? 2.441   -1.394  8.597   1.00 27.58  ? 5  DA  A "C2'" 1 
ATOM   90  C "C1'" . DA  A 1 5  ? 2.996   -2.290  7.515   1.00 26.72  ? 5  DA  A "C1'" 1 
ATOM   91  N N9    . DA  A 1 5  ? 1.948   -2.668  6.531   1.00 21.86  ? 5  DA  A N9    1 
ATOM   92  C C8    . DA  A 1 5  ? 0.579   -2.672  6.678   1.00 19.23  ? 5  DA  A C8    1 
ATOM   93  N N7    . DA  A 1 5  ? -0.067  -3.144  5.649   1.00 16.92  ? 5  DA  A N7    1 
ATOM   94  C C5    . DA  A 1 5  ? 0.946   -3.484  4.752   1.00 16.11  ? 5  DA  A C5    1 
ATOM   95  C C6    . DA  A 1 5  ? 0.909   -4.052  3.474   1.00 13.33  ? 5  DA  A C6    1 
ATOM   96  N N6    . DA  A 1 5  ? -0.220  -4.507  2.936   1.00 13.93  ? 5  DA  A N6    1 
ATOM   97  N N1    . DA  A 1 5  ? 2.077   -4.235  2.840   1.00 17.27  ? 5  DA  A N1    1 
ATOM   98  C C2    . DA  A 1 5  ? 3.214   -3.888  3.452   1.00 19.19  ? 5  DA  A C2    1 
ATOM   99  N N3    . DA  A 1 5  ? 3.386   -3.365  4.662   1.00 21.49  ? 5  DA  A N3    1 
ATOM   100 C C4    . DA  A 1 5  ? 2.181   -3.183  5.271   1.00 19.98  ? 5  DA  A C4    1 
ATOM   101 P P     . DA  A 1 6  ? 5.741   0.266   9.204   1.00 39.28  ? 6  DA  A P     1 
ATOM   102 O OP1   . DA  A 1 6  ? 7.108   -0.012  9.697   1.00 39.51  ? 6  DA  A OP1   1 
ATOM   103 O OP2   . DA  A 1 6  ? 4.877   1.242   9.915   1.00 37.43  ? 6  DA  A OP2   1 
ATOM   104 O "O5'" . DA  A 1 6  ? 5.942   0.609   7.654   1.00 30.45  ? 6  DA  A "O5'" 1 
ATOM   105 C "C5'" . DA  A 1 6  ? 6.411   -0.499  6.870   1.00 26.01  ? 6  DA  A "C5'" 1 
ATOM   106 C "C4'" . DA  A 1 6  ? 6.943   -0.198  5.481   1.00 25.48  ? 6  DA  A "C4'" 1 
ATOM   107 O "O4'" . DA  A 1 6  ? 6.011   -0.611  4.464   1.00 24.52  ? 6  DA  A "O4'" 1 
ATOM   108 C "C3'" . DA  A 1 6  ? 7.117   1.298   5.286   1.00 26.67  ? 6  DA  A "C3'" 1 
ATOM   109 O "O3'" . DA  A 1 6  ? 8.013   1.364   4.190   1.00 27.95  ? 6  DA  A "O3'" 1 
ATOM   110 C "C2'" . DA  A 1 6  ? 5.637   1.649   4.900   1.00 26.67  ? 6  DA  A "C2'" 1 
ATOM   111 C "C1'" . DA  A 1 6  ? 5.221   0.505   3.985   1.00 19.74  ? 6  DA  A "C1'" 1 
ATOM   112 N N9    . DA  A 1 6  ? 3.765   0.266   4.045   1.00 15.81  ? 6  DA  A N9    1 
ATOM   113 C C8    . DA  A 1 6  ? 2.808   0.599   4.919   1.00 14.80  ? 6  DA  A C8    1 
ATOM   114 N N7    . DA  A 1 6  ? 1.579   0.332   4.576   1.00 18.10  ? 6  DA  A N7    1 
ATOM   115 C C5    . DA  A 1 6  ? 1.748   -0.253  3.323   1.00 18.65  ? 6  DA  A C5    1 
ATOM   116 C C6    . DA  A 1 6  ? 0.841   -0.765  2.374   1.00 20.90  ? 6  DA  A C6    1 
ATOM   117 N N6    . DA  A 1 6  ? -0.490  -0.798  2.537   1.00 21.12  ? 6  DA  A N6    1 
ATOM   118 N N1    . DA  A 1 6  ? 1.352   -1.253  1.252   1.00 21.39  ? 6  DA  A N1    1 
ATOM   119 C C2    . DA  A 1 6  ? 2.665   -1.236  1.075   1.00 22.33  ? 6  DA  A C2    1 
ATOM   120 N N3    . DA  A 1 6  ? 3.629   -0.799  1.875   1.00 20.66  ? 6  DA  A N3    1 
ATOM   121 C C4    . DA  A 1 6  ? 3.079   -0.305  3.007   1.00 18.23  ? 6  DA  A C4    1 
ATOM   122 P P     . DT  A 1 7  ? 8.926   2.582   3.919   1.00 30.58  ? 7  DT  A P     1 
ATOM   123 O OP1   . DT  A 1 7  ? 10.348  2.136   3.908   1.00 25.24  ? 7  DT  A OP1   1 
ATOM   124 O OP2   . DT  A 1 7  ? 8.445   3.655   4.815   1.00 29.38  ? 7  DT  A OP2   1 
ATOM   125 O "O5'" . DT  A 1 7  ? 8.536   2.881   2.387   1.00 26.58  ? 7  DT  A "O5'" 1 
ATOM   126 C "C5'" . DT  A 1 7  ? 8.490   1.839   1.359   1.00 22.59  ? 7  DT  A "C5'" 1 
ATOM   127 C "C4'" . DT  A 1 7  ? 7.301   1.874   0.375   1.00 19.00  ? 7  DT  A "C4'" 1 
ATOM   128 O "O4'" . DT  A 1 7  ? 5.991   1.841   0.996   1.00 22.66  ? 7  DT  A "O4'" 1 
ATOM   129 C "C3'" . DT  A 1 7  ? 7.334   3.187   -0.316  1.00 21.34  ? 7  DT  A "C3'" 1 
ATOM   130 O "O3'" . DT  A 1 7  ? 7.860   2.875   -1.588  1.00 24.25  ? 7  DT  A "O3'" 1 
ATOM   131 C "C2'" . DT  A 1 7  ? 5.841   3.576   -0.287  1.00 23.63  ? 7  DT  A "C2'" 1 
ATOM   132 C "C1'" . DT  A 1 7  ? 5.099   2.320   0.056   1.00 18.16  ? 7  DT  A "C1'" 1 
ATOM   133 N N1    . DT  A 1 7  ? 3.765   2.466   0.680   1.00 20.82  ? 7  DT  A N1    1 
ATOM   134 C C2    . DT  A 1 7  ? 2.678   1.949   -0.013  1.00 21.82  ? 7  DT  A C2    1 
ATOM   135 O O2    . DT  A 1 7  ? 2.759   1.378   -1.097  1.00 31.80  ? 7  DT  A O2    1 
ATOM   136 N N3    . DT  A 1 7  ? 1.433   2.044   0.539   1.00 15.59  ? 7  DT  A N3    1 
ATOM   137 C C4    . DT  A 1 7  ? 1.145   2.612   1.730   1.00 22.01  ? 7  DT  A C4    1 
ATOM   138 O O4    . DT  A 1 7  ? -0.014  2.668   2.148   1.00 25.08  ? 7  DT  A O4    1 
ATOM   139 C C5    . DT  A 1 7  ? 2.314   3.118   2.369   1.00 20.68  ? 7  DT  A C5    1 
ATOM   140 C C7    . DT  A 1 7  ? 2.104   3.825   3.655   1.00 24.95  ? 7  DT  A C7    1 
ATOM   141 C C6    . DT  A 1 7  ? 3.557   3.036   1.852   1.00 18.86  ? 7  DT  A C6    1 
ATOM   142 P P     . DT  A 1 8  ? 8.296   4.013   -2.592  1.00 30.36  ? 8  DT  A P     1 
ATOM   143 O OP1   . DT  A 1 8  ? 9.399   3.530   -3.454  1.00 25.24  ? 8  DT  A OP1   1 
ATOM   144 O OP2   . DT  A 1 8  ? 8.385   5.315   -1.922  1.00 33.29  ? 8  DT  A OP2   1 
ATOM   145 O "O5'" . DT  A 1 8  ? 6.910   4.193   -3.382  1.00 28.73  ? 8  DT  A "O5'" 1 
ATOM   146 C "C5'" . DT  A 1 8  ? 6.834   3.864   -4.775  1.00 28.92  ? 8  DT  A "C5'" 1 
ATOM   147 C "C4'" . DT  A 1 8  ? 5.425   3.563   -5.204  1.00 23.94  ? 8  DT  A "C4'" 1 
ATOM   148 O "O4'" . DT  A 1 8  ? 4.533   3.418   -4.082  1.00 21.98  ? 8  DT  A "O4'" 1 
ATOM   149 C "C3'" . DT  A 1 8  ? 4.956   4.734   -6.015  1.00 23.76  ? 8  DT  A "C3'" 1 
ATOM   150 O "O3'" . DT  A 1 8  ? 4.731   4.211   -7.333  1.00 24.05  ? 8  DT  A "O3'" 1 
ATOM   151 C "C2'" . DT  A 1 8  ? 3.718   5.216   -5.279  1.00 21.07  ? 8  DT  A "C2'" 1 
ATOM   152 C "C1'" . DT  A 1 8  ? 3.260   4.070   -4.400  1.00 19.66  ? 8  DT  A "C1'" 1 
ATOM   153 N N1    . DT  A 1 8  ? 2.559   4.587   -3.164  1.00 12.29  ? 8  DT  A N1    1 
ATOM   154 C C2    . DT  A 1 8  ? 1.202   4.370   -3.032  1.00 13.16  ? 8  DT  A C2    1 
ATOM   155 O O2    . DT  A 1 8  ? 0.535   3.794   -3.888  1.00 20.65  ? 8  DT  A O2    1 
ATOM   156 N N3    . DT  A 1 8  ? 0.617   4.803   -1.854  1.00 13.77  ? 8  DT  A N3    1 
ATOM   157 C C4    . DT  A 1 8  ? 1.257   5.408   -0.826  1.00 9.70   ? 8  DT  A C4    1 
ATOM   158 O O4    . DT  A 1 8  ? 0.620   5.710   0.169   1.00 14.57  ? 8  DT  A O4    1 
ATOM   159 C C5    . DT  A 1 8  ? 2.653   5.610   -1.043  1.00 9.14   ? 8  DT  A C5    1 
ATOM   160 C C7    . DT  A 1 8  ? 3.465   6.343   -0.062  1.00 7.27   ? 8  DT  A C7    1 
ATOM   161 C C6    . DT  A 1 8  ? 3.247   5.206   -2.160  1.00 13.53  ? 8  DT  A C6    1 
ATOM   162 P P     . DT  A 1 9  ? 4.729   5.200   -8.633  1.00 20.89  ? 9  DT  A P     1 
ATOM   163 O OP1   . DT  A 1 9  ? 5.776   4.725   -9.570  1.00 21.72  ? 9  DT  A OP1   1 
ATOM   164 O OP2   . DT  A 1 9  ? 4.762   6.548   -8.118  1.00 20.47  ? 9  DT  A OP2   1 
ATOM   165 O "O5'" . DT  A 1 9  ? 3.278   4.829   -9.107  1.00 19.75  ? 9  DT  A "O5'" 1 
ATOM   166 C "C5'" . DT  A 1 9  ? 2.294   4.610   -8.101  1.00 22.48  ? 9  DT  A "C5'" 1 
ATOM   167 C "C4'" . DT  A 1 9  ? 0.950   4.694   -8.630  1.00 30.43  ? 9  DT  A "C4'" 1 
ATOM   168 O "O4'" . DT  A 1 9  ? 0.028   4.834   -7.519  1.00 31.21  ? 9  DT  A "O4'" 1 
ATOM   169 C "C3'" . DT  A 1 9  ? 0.863   5.900   -9.527  1.00 35.13  ? 9  DT  A "C3'" 1 
ATOM   170 O "O3'" . DT  A 1 9  ? -0.040  5.566   -10.586 1.00 40.34  ? 9  DT  A "O3'" 1 
ATOM   171 C "C2'" . DT  A 1 9  ? 0.379   6.939   -8.555  1.00 33.11  ? 9  DT  A "C2'" 1 
ATOM   172 C "C1'" . DT  A 1 9  ? -0.462  6.178   -7.501  1.00 29.62  ? 9  DT  A "C1'" 1 
ATOM   173 N N1    . DT  A 1 9  ? -0.268  6.732   -6.144  1.00 21.45  ? 9  DT  A N1    1 
ATOM   174 C C2    . DT  A 1 9  ? -1.282  6.645   -5.238  1.00 20.54  ? 9  DT  A C2    1 
ATOM   175 O O2    . DT  A 1 9  ? -2.378  6.119   -5.479  1.00 25.14  ? 9  DT  A O2    1 
ATOM   176 N N3    . DT  A 1 9  ? -1.023  7.229   -4.028  1.00 17.22  ? 9  DT  A N3    1 
ATOM   177 C C4    . DT  A 1 9  ? 0.140   7.875   -3.678  1.00 17.78  ? 9  DT  A C4    1 
ATOM   178 O O4    . DT  A 1 9  ? 0.218   8.458   -2.603  1.00 19.57  ? 9  DT  A O4    1 
ATOM   179 C C5    . DT  A 1 9  ? 1.130   7.883   -4.712  1.00 19.17  ? 9  DT  A C5    1 
ATOM   180 C C7    . DT  A 1 9  ? 2.530   8.477   -4.527  1.00 21.49  ? 9  DT  A C7    1 
ATOM   181 C C6    . DT  A 1 9  ? 0.894   7.336   -5.870  1.00 20.90  ? 9  DT  A C6    1 
ATOM   182 P P     . DG  A 1 10 ? -0.213  6.383   -11.997 1.00 44.67  ? 10 DG  A P     1 
ATOM   183 O OP1   . DG  A 1 10 ? 0.772   5.877   -12.992 1.00 43.70  ? 10 DG  A OP1   1 
ATOM   184 O OP2   . DG  A 1 10 ? -0.227  7.845   -11.710 1.00 44.62  ? 10 DG  A OP2   1 
ATOM   185 O "O5'" . DG  A 1 10 ? -1.713  5.873   -12.348 1.00 40.20  ? 10 DG  A "O5'" 1 
ATOM   186 C "C5'" . DG  A 1 10 ? -2.527  5.976   -11.166 1.00 42.52  ? 10 DG  A "C5'" 1 
ATOM   187 C "C4'" . DG  A 1 10 ? -3.886  6.678   -11.151 1.00 42.06  ? 10 DG  A "C4'" 1 
ATOM   188 O "O4'" . DG  A 1 10 ? -3.989  7.295   -9.834  1.00 38.99  ? 10 DG  A "O4'" 1 
ATOM   189 C "C3'" . DG  A 1 10 ? -4.107  7.839   -12.061 1.00 40.03  ? 10 DG  A "C3'" 1 
ATOM   190 O "O3'" . DG  A 1 10 ? -5.505  7.834   -11.961 1.00 42.08  ? 10 DG  A "O3'" 1 
ATOM   191 C "C2'" . DG  A 1 10 ? -3.393  8.930   -11.280 1.00 38.51  ? 10 DG  A "C2'" 1 
ATOM   192 C "C1'" . DG  A 1 10 ? -3.904  8.722   -9.885  1.00 35.75  ? 10 DG  A "C1'" 1 
ATOM   193 N N9    . DG  A 1 10 ? -2.968  9.203   -8.847  1.00 33.05  ? 10 DG  A N9    1 
ATOM   194 C C8    . DG  A 1 10 ? -1.648  9.556   -8.987  1.00 32.32  ? 10 DG  A C8    1 
ATOM   195 N N7    . DG  A 1 10 ? -1.070  9.955   -7.878  1.00 34.53  ? 10 DG  A N7    1 
ATOM   196 C C5    . DG  A 1 10 ? -2.092  9.868   -6.924  1.00 31.34  ? 10 DG  A C5    1 
ATOM   197 C C6    . DG  A 1 10 ? -2.035  10.204  -5.536  1.00 30.11  ? 10 DG  A C6    1 
ATOM   198 O O6    . DG  A 1 10 ? -1.073  10.564  -4.855  1.00 36.27  ? 10 DG  A O6    1 
ATOM   199 N N1    . DG  A 1 10 ? -3.263  10.006  -4.955  1.00 26.93  ? 10 DG  A N1    1 
ATOM   200 C C2    . DG  A 1 10 ? -4.369  9.539   -5.610  1.00 26.54  ? 10 DG  A C2    1 
ATOM   201 N N2    . DG  A 1 10 ? -5.451  9.454   -4.840  1.00 31.15  ? 10 DG  A N2    1 
ATOM   202 N N3    . DG  A 1 10 ? -4.437  9.213   -6.914  1.00 25.30  ? 10 DG  A N3    1 
ATOM   203 C C4    . DG  A 1 10 ? -3.254  9.410   -7.507  1.00 30.36  ? 10 DG  A C4    1 
ATOM   204 P P     . DC  A 1 11 ? -6.518  8.728   -12.734 1.00 43.55  ? 11 DC  A P     1 
ATOM   205 O OP1   . DC  A 1 11 ? -7.078  7.888   -13.800 1.00 47.36  ? 11 DC  A OP1   1 
ATOM   206 O OP2   . DC  A 1 11 ? -5.902  10.052  -12.970 1.00 42.77  ? 11 DC  A OP2   1 
ATOM   207 O "O5'" . DC  A 1 11 ? -7.606  8.778   -11.634 1.00 40.12  ? 11 DC  A "O5'" 1 
ATOM   208 C "C5'" . DC  A 1 11 ? -8.165  7.555   -11.156 1.00 39.55  ? 11 DC  A "C5'" 1 
ATOM   209 C "C4'" . DC  A 1 11 ? -8.812  7.814   -9.795  1.00 38.87  ? 11 DC  A "C4'" 1 
ATOM   210 O "O4'" . DC  A 1 11 ? -7.910  8.511   -8.875  1.00 39.99  ? 11 DC  A "O4'" 1 
ATOM   211 C "C3'" . DC  A 1 11 ? -9.976  8.755   -9.948  1.00 39.51  ? 11 DC  A "C3'" 1 
ATOM   212 O "O3'" . DC  A 1 11 ? -11.028 8.247   -9.108  1.00 41.24  ? 11 DC  A "O3'" 1 
ATOM   213 C "C2'" . DC  A 1 11 ? -9.419  10.108  -9.473  1.00 37.98  ? 11 DC  A "C2'" 1 
ATOM   214 C "C1'" . DC  A 1 11 ? -8.416  9.777   -8.420  1.00 33.29  ? 11 DC  A "C1'" 1 
ATOM   215 N N1    . DC  A 1 11 ? -7.311  10.727  -8.398  1.00 27.36  ? 11 DC  A N1    1 
ATOM   216 C C2    . DC  A 1 11 ? -6.991  11.320  -7.188  1.00 28.99  ? 11 DC  A C2    1 
ATOM   217 O O2    . DC  A 1 11 ? -7.611  11.030  -6.169  1.00 34.85  ? 11 DC  A O2    1 
ATOM   218 N N3    . DC  A 1 11 ? -5.950  12.196  -7.134  1.00 26.02  ? 11 DC  A N3    1 
ATOM   219 C C4    . DC  A 1 11 ? -5.256  12.460  -8.253  1.00 27.99  ? 11 DC  A C4    1 
ATOM   220 N N4    . DC  A 1 11 ? -4.218  13.286  -8.202  1.00 30.66  ? 11 DC  A N4    1 
ATOM   221 C C5    . DC  A 1 11 ? -5.574  11.866  -9.501  1.00 25.09  ? 11 DC  A C5    1 
ATOM   222 C C6    . DC  A 1 11 ? -6.611  11.006  -9.518  1.00 24.52  ? 11 DC  A C6    1 
ATOM   223 P P     . DG  A 1 12 ? -12.431 9.051   -9.049  1.00 42.82  ? 12 DG  A P     1 
ATOM   224 O OP1   . DG  A 1 12 ? -13.477 8.116   -8.514  1.00 41.35  ? 12 DG  A OP1   1 
ATOM   225 O OP2   . DG  A 1 12 ? -12.589 9.631   -10.401 1.00 46.09  ? 12 DG  A OP2   1 
ATOM   226 O "O5'" . DG  A 1 12 ? -12.119 10.279  -7.964  1.00 41.04  ? 12 DG  A "O5'" 1 
ATOM   227 C "C5'" . DG  A 1 12 ? -12.668 10.324  -6.619  1.00 36.86  ? 12 DG  A "C5'" 1 
ATOM   228 C "C4'" . DG  A 1 12 ? -12.911 11.742  -6.127  1.00 34.37  ? 12 DG  A "C4'" 1 
ATOM   229 O "O4'" . DG  A 1 12 ? -11.596 12.305  -6.118  1.00 35.67  ? 12 DG  A "O4'" 1 
ATOM   230 C "C3'" . DG  A 1 12 ? -13.836 12.627  -7.045  1.00 36.07  ? 12 DG  A "C3'" 1 
ATOM   231 O "O3'" . DG  A 1 12 ? -14.937 13.354  -6.419  1.00 31.06  ? 12 DG  A "O3'" 1 
ATOM   232 C "C2'" . DG  A 1 12 ? -12.896 13.722  -7.502  1.00 37.08  ? 12 DG  A "C2'" 1 
ATOM   233 C "C1'" . DG  A 1 12 ? -11.669 13.658  -6.584  1.00 36.90  ? 12 DG  A "C1'" 1 
ATOM   234 N N9    . DG  A 1 12 ? -10.452 13.990  -7.322  1.00 31.31  ? 12 DG  A N9    1 
ATOM   235 C C8    . DG  A 1 12 ? -10.202 13.820  -8.658  1.00 30.08  ? 12 DG  A C8    1 
ATOM   236 N N7    . DG  A 1 12 ? -8.999  14.209  -9.001  1.00 33.64  ? 12 DG  A N7    1 
ATOM   237 C C5    . DG  A 1 12 ? -8.400  14.672  -7.801  1.00 31.89  ? 12 DG  A C5    1 
ATOM   238 C C6    . DG  A 1 12 ? -7.097  15.231  -7.572  1.00 32.04  ? 12 DG  A C6    1 
ATOM   239 O O6    . DG  A 1 12 ? -6.182  15.414  -8.376  1.00 30.98  ? 12 DG  A O6    1 
ATOM   240 N N1    . DG  A 1 12 ? -6.933  15.589  -6.249  1.00 29.91  ? 12 DG  A N1    1 
ATOM   241 C C2    . DG  A 1 12 ? -7.880  15.445  -5.270  1.00 28.28  ? 12 DG  A C2    1 
ATOM   242 N N2    . DG  A 1 12 ? -7.612  15.934  -4.062  1.00 34.06  ? 12 DG  A N2    1 
ATOM   243 N N3    . DG  A 1 12 ? -9.091  14.908  -5.467  1.00 34.14  ? 12 DG  A N3    1 
ATOM   244 C C4    . DG  A 1 12 ? -9.294  14.539  -6.768  1.00 33.93  ? 12 DG  A C4    1 
ATOM   245 P P     . DC  B 1 1  ? 0.188   20.561  -5.807  1.00 30.00  ? 13 DC  B P     1 
ATOM   246 O "O5'" . DC  B 1 1  ? -0.431  20.764  -5.100  1.00 52.49  ? 13 DC  B "O5'" 1 
ATOM   247 C "C5'" . DC  B 1 1  ? -0.025  20.011  -3.942  1.00 44.87  ? 13 DC  B "C5'" 1 
ATOM   248 C "C4'" . DC  B 1 1  ? -0.999  20.194  -2.772  1.00 40.86  ? 13 DC  B "C4'" 1 
ATOM   249 O "O4'" . DC  B 1 1  ? -2.350  20.038  -3.195  1.00 36.43  ? 13 DC  B "O4'" 1 
ATOM   250 C "C3'" . DC  B 1 1  ? -0.763  19.094  -1.723  1.00 41.72  ? 13 DC  B "C3'" 1 
ATOM   251 O "O3'" . DC  B 1 1  ? -1.320  19.530  -0.453  1.00 45.41  ? 13 DC  B "O3'" 1 
ATOM   252 C "C2'" . DC  B 1 1  ? -1.591  18.024  -2.385  1.00 38.03  ? 13 DC  B "C2'" 1 
ATOM   253 C "C1'" . DC  B 1 1  ? -2.796  18.682  -3.028  1.00 33.27  ? 13 DC  B "C1'" 1 
ATOM   254 N N1    . DC  B 1 1  ? -3.104  18.084  -4.359  1.00 24.75  ? 13 DC  B N1    1 
ATOM   255 C C2    . DC  B 1 1  ? -4.238  17.348  -4.544  1.00 21.50  ? 13 DC  B C2    1 
ATOM   256 O O2    . DC  B 1 1  ? -4.966  17.162  -3.586  1.00 25.19  ? 13 DC  B O2    1 
ATOM   257 N N3    . DC  B 1 1  ? -4.545  16.821  -5.794  1.00 17.56  ? 13 DC  B N3    1 
ATOM   258 C C4    . DC  B 1 1  ? -3.699  17.053  -6.819  1.00 21.94  ? 13 DC  B C4    1 
ATOM   259 N N4    . DC  B 1 1  ? -3.898  16.581  -8.053  1.00 24.15  ? 13 DC  B N4    1 
ATOM   260 C C5    . DC  B 1 1  ? -2.520  17.814  -6.633  1.00 27.26  ? 13 DC  B C5    1 
ATOM   261 C C6    . DC  B 1 1  ? -2.277  18.298  -5.395  1.00 27.37  ? 13 DC  B C6    1 
ATOM   262 P P     . DG  B 1 2  ? -1.209  18.860  1.000   1.00 44.62  ? 14 DG  B P     1 
ATOM   263 O OP1   . DG  B 1 2  ? -0.612  19.856  1.914   1.00 46.50  ? 14 DG  B OP1   1 
ATOM   264 O OP2   . DG  B 1 2  ? -0.515  17.564  0.789   1.00 47.41  ? 14 DG  B OP2   1 
ATOM   265 O "O5'" . DG  B 1 2  ? -2.713  18.583  1.512   1.00 37.50  ? 14 DG  B "O5'" 1 
ATOM   266 C "C5'" . DG  B 1 2  ? -3.570  17.968  0.557   1.00 33.11  ? 14 DG  B "C5'" 1 
ATOM   267 C "C4'" . DG  B 1 2  ? -4.683  17.156  1.167   1.00 30.34  ? 14 DG  B "C4'" 1 
ATOM   268 O "O4'" . DG  B 1 2  ? -5.302  16.321  0.175   1.00 30.63  ? 14 DG  B "O4'" 1 
ATOM   269 C "C3'" . DG  B 1 2  ? -4.116  16.187  2.114   1.00 28.65  ? 14 DG  B "C3'" 1 
ATOM   270 O "O3'" . DG  B 1 2  ? -5.182  15.626  2.843   1.00 32.75  ? 14 DG  B "O3'" 1 
ATOM   271 C "C2'" . DG  B 1 2  ? -3.567  15.184  1.153   1.00 29.71  ? 14 DG  B "C2'" 1 
ATOM   272 C "C1'" . DG  B 1 2  ? -4.644  15.049  0.116   1.00 28.70  ? 14 DG  B "C1'" 1 
ATOM   273 N N9    . DG  B 1 2  ? -3.969  14.774  -1.172  1.00 27.80  ? 14 DG  B N9    1 
ATOM   274 C C8    . DG  B 1 2  ? -2.702  15.071  -1.509  1.00 24.50  ? 14 DG  B C8    1 
ATOM   275 N N7    . DG  B 1 2  ? -2.377  14.710  -2.705  1.00 27.59  ? 14 DG  B N7    1 
ATOM   276 C C5    . DG  B 1 2  ? -3.514  14.107  -3.224  1.00 23.95  ? 14 DG  B C5    1 
ATOM   277 C C6    . DG  B 1 2  ? -3.709  13.507  -4.499  1.00 21.79  ? 14 DG  B C6    1 
ATOM   278 O O6    . DG  B 1 2  ? -2.884  13.388  -5.426  1.00 21.08  ? 14 DG  B O6    1 
ATOM   279 N N1    . DG  B 1 2  ? -5.000  13.000  -4.556  1.00 21.16  ? 14 DG  B N1    1 
ATOM   280 C C2    . DG  B 1 2  ? -5.937  13.046  -3.571  1.00 20.71  ? 14 DG  B C2    1 
ATOM   281 N N2    . DG  B 1 2  ? -7.068  12.358  -3.693  1.00 20.76  ? 14 DG  B N2    1 
ATOM   282 N N3    . DG  B 1 2  ? -5.737  13.622  -2.421  1.00 24.39  ? 14 DG  B N3    1 
ATOM   283 C C4    . DG  B 1 2  ? -4.506  14.131  -2.295  1.00 25.51  ? 14 DG  B C4    1 
ATOM   284 P P     . DC  B 1 3  ? -4.872  14.525  3.964   1.00 29.86  ? 15 DC  B P     1 
ATOM   285 O OP1   . DC  B 1 3  ? -5.625  14.843  5.203   1.00 25.04  ? 15 DC  B OP1   1 
ATOM   286 O OP2   . DC  B 1 3  ? -3.384  14.329  3.968   1.00 27.41  ? 15 DC  B OP2   1 
ATOM   287 O "O5'" . DC  B 1 3  ? -5.535  13.201  3.336   1.00 28.28  ? 15 DC  B "O5'" 1 
ATOM   288 C "C5'" . DC  B 1 3  ? -6.937  13.137  3.157   1.00 24.39  ? 15 DC  B "C5'" 1 
ATOM   289 C "C4'" . DC  B 1 3  ? -7.168  12.077  2.111   1.00 25.84  ? 15 DC  B "C4'" 1 
ATOM   290 O "O4'" . DC  B 1 3  ? -6.268  12.325  1.019   1.00 22.99  ? 15 DC  B "O4'" 1 
ATOM   291 C "C3'" . DC  B 1 3  ? -6.786  10.669  2.566   1.00 26.61  ? 15 DC  B "C3'" 1 
ATOM   292 O "O3'" . DC  B 1 3  ? -7.910  10.166  3.269   1.00 26.59  ? 15 DC  B "O3'" 1 
ATOM   293 C "C2'" . DC  B 1 3  ? -6.553  10.008  1.229   1.00 27.16  ? 15 DC  B "C2'" 1 
ATOM   294 C "C1'" . DC  B 1 3  ? -6.140  11.112  0.282   1.00 22.91  ? 15 DC  B "C1'" 1 
ATOM   295 N N1    . DC  B 1 3  ? -4.748  11.051  -0.162  1.00 22.81  ? 15 DC  B N1    1 
ATOM   296 C C2    . DC  B 1 3  ? -4.500  10.561  -1.422  1.00 23.38  ? 15 DC  B C2    1 
ATOM   297 O O2    . DC  B 1 3  ? -5.380  9.980   -2.074  1.00 28.58  ? 15 DC  B O2    1 
ATOM   298 N N3    . DC  B 1 3  ? -3.252  10.686  -1.925  1.00 22.38  ? 15 DC  B N3    1 
ATOM   299 C C4    . DC  B 1 3  ? -2.267  11.266  -1.199  1.00 23.12  ? 15 DC  B C4    1 
ATOM   300 N N4    . DC  B 1 3  ? -1.015  11.448  -1.711  1.00 23.36  ? 15 DC  B N4    1 
ATOM   301 C C5    . DC  B 1 3  ? -2.526  11.745  0.115   1.00 23.98  ? 15 DC  B C5    1 
ATOM   302 C C6    . DC  B 1 3  ? -3.775  11.613  0.582   1.00 22.30  ? 15 DC  B C6    1 
ATOM   303 P P     . DA  B 1 4  ? -8.042  8.776   4.043   1.00 28.22  ? 16 DA  B P     1 
ATOM   304 O OP1   . DA  B 1 4  ? -9.285  8.843   4.857   1.00 33.81  ? 16 DA  B OP1   1 
ATOM   305 O OP2   . DA  B 1 4  ? -6.762  8.336   4.661   1.00 30.71  ? 16 DA  B OP2   1 
ATOM   306 O "O5'" . DA  B 1 4  ? -8.418  7.806   2.866   1.00 28.73  ? 16 DA  B "O5'" 1 
ATOM   307 C "C5'" . DA  B 1 4  ? -9.679  7.898   2.195   1.00 24.83  ? 16 DA  B "C5'" 1 
ATOM   308 C "C4'" . DA  B 1 4  ? -9.627  7.034   1.006   1.00 23.10  ? 16 DA  B "C4'" 1 
ATOM   309 O "O4'" . DA  B 1 4  ? -8.458  7.395   0.262   1.00 22.70  ? 16 DA  B "O4'" 1 
ATOM   310 C "C3'" . DA  B 1 4  ? -9.449  5.581   1.366   1.00 27.46  ? 16 DA  B "C3'" 1 
ATOM   311 O "O3'" . DA  B 1 4  ? -10.095 4.868   0.310   1.00 32.37  ? 16 DA  B "O3'" 1 
ATOM   312 C "C2'" . DA  B 1 4  ? -7.930  5.406   1.364   1.00 26.63  ? 16 DA  B "C2'" 1 
ATOM   313 C "C1'" . DA  B 1 4  ? -7.538  6.282   0.218   1.00 25.47  ? 16 DA  B "C1'" 1 
ATOM   314 N N9    . DA  B 1 4  ? -6.124  6.686   0.345   1.00 20.64  ? 16 DA  B N9    1 
ATOM   315 C C8    . DA  B 1 4  ? -5.350  6.949   1.423   1.00 20.49  ? 16 DA  B C8    1 
ATOM   316 N N7    . DA  B 1 4  ? -4.109  7.295   1.135   1.00 20.33  ? 16 DA  B N7    1 
ATOM   317 C C5    . DA  B 1 4  ? -4.065  7.257   -0.225  1.00 17.80  ? 16 DA  B C5    1 
ATOM   318 C C6    . DA  B 1 4  ? -3.041  7.516   -1.136  1.00 20.37  ? 16 DA  B C6    1 
ATOM   319 N N6    . DA  B 1 4  ? -1.834  7.951   -0.788  1.00 25.53  ? 16 DA  B N6    1 
ATOM   320 N N1    . DA  B 1 4  ? -3.308  7.364   -2.439  1.00 24.94  ? 16 DA  B N1    1 
ATOM   321 C C2    . DA  B 1 4  ? -4.546  6.985   -2.770  1.00 28.28  ? 16 DA  B C2    1 
ATOM   322 N N3    . DA  B 1 4  ? -5.619  6.717   -2.035  1.00 25.45  ? 16 DA  B N3    1 
ATOM   323 C C4    . DA  B 1 4  ? -5.287  6.878   -0.728  1.00 23.75  ? 16 DA  B C4    1 
ATOM   324 P P     . DA  B 1 5  ? -10.469 3.292   0.152   1.00 36.37  ? 17 DA  B P     1 
ATOM   325 O OP1   . DA  B 1 5  ? -11.730 3.167   -0.621  1.00 39.93  ? 17 DA  B OP1   1 
ATOM   326 O OP2   . DA  B 1 5  ? -10.375 2.585   1.446   1.00 33.47  ? 17 DA  B OP2   1 
ATOM   327 O "O5'" . DA  B 1 5  ? -9.311  2.903   -0.821  1.00 29.52  ? 17 DA  B "O5'" 1 
ATOM   328 C "C5'" . DA  B 1 5  ? -9.449  3.677   -1.991  1.00 24.96  ? 17 DA  B "C5'" 1 
ATOM   329 C "C4'" . DA  B 1 5  ? -8.880  3.077   -3.183  1.00 24.86  ? 17 DA  B "C4'" 1 
ATOM   330 O "O4'" . DA  B 1 5  ? -7.514  3.412   -3.306  1.00 26.43  ? 17 DA  B "O4'" 1 
ATOM   331 C "C3'" . DA  B 1 5  ? -8.888  1.612   -3.121  1.00 25.17  ? 17 DA  B "C3'" 1 
ATOM   332 O "O3'" . DA  B 1 5  ? -8.774  1.240   -4.500  1.00 29.30  ? 17 DA  B "O3'" 1 
ATOM   333 C "C2'" . DA  B 1 5  ? -7.626  1.355   -2.322  1.00 24.28  ? 17 DA  B "C2'" 1 
ATOM   334 C "C1'" . DA  B 1 5  ? -6.681  2.373   -2.847  1.00 17.93  ? 17 DA  B "C1'" 1 
ATOM   335 N N9    . DA  B 1 5  ? -5.780  2.919   -1.812  1.00 17.43  ? 17 DA  B N9    1 
ATOM   336 C C8    . DA  B 1 5  ? -5.952  3.051   -0.441  1.00 9.71   ? 17 DA  B C8    1 
ATOM   337 N N7    . DA  B 1 5  ? -4.866  3.492   0.119   1.00 12.79  ? 17 DA  B N7    1 
ATOM   338 C C5    . DA  B 1 5  ? -3.930  3.667   -0.911  1.00 12.57  ? 17 DA  B C5    1 
ATOM   339 C C6    . DA  B 1 5  ? -2.595  4.118   -0.929  1.00 18.32  ? 17 DA  B C6    1 
ATOM   340 N N6    . DA  B 1 5  ? -1.939  4.515   0.183   1.00 20.18  ? 17 DA  B N6    1 
ATOM   341 N N1    . DA  B 1 5  ? -1.972  4.180   -2.139  1.00 19.62  ? 17 DA  B N1    1 
ATOM   342 C C2    . DA  B 1 5  ? -2.636  3.827   -3.253  1.00 23.14  ? 17 DA  B C2    1 
ATOM   343 N N3    . DA  B 1 5  ? -3.892  3.388   -3.363  1.00 21.83  ? 17 DA  B N3    1 
ATOM   344 C C4    . DA  B 1 5  ? -4.484  3.331   -2.111  1.00 16.10  ? 17 DA  B C4    1 
ATOM   345 P P     . DA  B 1 6  ? -8.928  -0.242  -4.961  1.00 33.67  ? 18 DA  B P     1 
ATOM   346 O OP1   . DA  B 1 6  ? -9.631  -0.222  -6.261  1.00 35.52  ? 18 DA  B OP1   1 
ATOM   347 O OP2   . DA  B 1 6  ? -9.444  -1.018  -3.817  1.00 27.21  ? 18 DA  B OP2   1 
ATOM   348 O "O5'" . DA  B 1 6  ? -7.371  -0.411  -5.196  1.00 27.41  ? 18 DA  B "O5'" 1 
ATOM   349 C "C5'" . DA  B 1 6  ? -6.798  0.191   -6.334  1.00 23.14  ? 18 DA  B "C5'" 1 
ATOM   350 C "C4'" . DA  B 1 6  ? -5.319  0.020   -6.388  1.00 23.62  ? 18 DA  B "C4'" 1 
ATOM   351 O "O4'" . DA  B 1 6  ? -4.773  0.532   -5.154  1.00 24.48  ? 18 DA  B "O4'" 1 
ATOM   352 C "C3'" . DA  B 1 6  ? -4.875  -1.410  -6.433  1.00 23.57  ? 18 DA  B "C3'" 1 
ATOM   353 O "O3'" . DA  B 1 6  ? -3.587  -1.492  -7.101  1.00 30.40  ? 18 DA  B "O3'" 1 
ATOM   354 C "C2'" . DA  B 1 6  ? -4.690  -1.677  -4.934  1.00 21.05  ? 18 DA  B "C2'" 1 
ATOM   355 C "C1'" . DA  B 1 6  ? -3.920  -0.464  -4.605  1.00 18.64  ? 18 DA  B "C1'" 1 
ATOM   356 N N9    . DA  B 1 6  ? -3.743  -0.261  -3.186  1.00 12.35  ? 18 DA  B N9    1 
ATOM   357 C C8    . DA  B 1 6  ? -4.618  -0.461  -2.147  1.00 14.38  ? 18 DA  B C8    1 
ATOM   358 N N7    . DA  B 1 6  ? -4.144  -0.096  -0.974  1.00 12.19  ? 18 DA  B N7    1 
ATOM   359 C C5    . DA  B 1 6  ? -2.867  0.370   -1.284  1.00 6.90   ? 18 DA  B C5    1 
ATOM   360 C C6    . DA  B 1 6  ? -1.861  0.881   -0.489  1.00 8.95   ? 18 DA  B C6    1 
ATOM   361 N N6    . DA  B 1 6  ? -2.062  1.091   0.838   1.00 14.47  ? 18 DA  B N6    1 
ATOM   362 N N1    . DA  B 1 6  ? -0.690  1.225   -1.086  1.00 11.87  ? 18 DA  B N1    1 
ATOM   363 C C2    . DA  B 1 6  ? -0.569  1.058   -2.411  1.00 13.45  ? 18 DA  B C2    1 
ATOM   364 N N3    . DA  B 1 6  ? -1.475  0.590   -3.260  1.00 12.59  ? 18 DA  B N3    1 
ATOM   365 C C4    . DA  B 1 6  ? -2.609  0.264   -2.622  1.00 5.51   ? 18 DA  B C4    1 
ATOM   366 P P     . DT  B 1 7  ? -3.229  -2.775  -8.028  1.00 36.59  ? 19 DT  B P     1 
ATOM   367 O OP1   . DT  B 1 7  ? -3.139  -2.374  -9.436  1.00 39.56  ? 19 DT  B OP1   1 
ATOM   368 O OP2   . DT  B 1 7  ? -4.210  -3.854  -7.710  1.00 37.02  ? 19 DT  B OP2   1 
ATOM   369 O "O5'" . DT  B 1 7  ? -1.764  -3.280  -7.559  1.00 33.77  ? 19 DT  B "O5'" 1 
ATOM   370 C "C5'" . DT  B 1 7  ? -0.606  -2.469  -7.749  1.00 26.83  ? 19 DT  B "C5'" 1 
ATOM   371 C "C4'" . DT  B 1 7  ? 0.164   -2.506  -6.525  1.00 19.31  ? 19 DT  B "C4'" 1 
ATOM   372 O "O4'" . DT  B 1 7  ? -0.690  -2.475  -5.404  1.00 17.17  ? 19 DT  B "O4'" 1 
ATOM   373 C "C3'" . DT  B 1 7  ? 0.826   -3.840  -6.374  1.00 21.43  ? 19 DT  B "C3'" 1 
ATOM   374 O "O3'" . DT  B 1 7  ? 2.198   -3.678  -6.759  1.00 22.78  ? 19 DT  B "O3'" 1 
ATOM   375 C "C2'" . DT  B 1 7  ? 0.626   -4.056  -4.874  1.00 18.98  ? 19 DT  B "C2'" 1 
ATOM   376 C "C1'" . DT  B 1 7  ? 0.248   -2.713  -4.353  1.00 13.73  ? 19 DT  B "C1'" 1 
ATOM   377 N N1    . DT  B 1 7  ? -0.352  -2.756  -2.945  1.00 10.27  ? 19 DT  B N1    1 
ATOM   378 C C2    . DT  B 1 7  ? 0.389   -2.178  -1.927  1.00 9.45   ? 19 DT  B C2    1 
ATOM   379 O O2    . DT  B 1 7  ? 1.509   -1.681  -2.133  1.00 16.96  ? 19 DT  B O2    1 
ATOM   380 N N3    . DT  B 1 7  ? -0.162  -2.209  -0.675  1.00 3.50   ? 19 DT  B N3    1 
ATOM   381 C C4    . DT  B 1 7  ? -1.377  -2.744  -0.308  1.00 10.94  ? 19 DT  B C4    1 
ATOM   382 O O4    . DT  B 1 7  ? -1.811  -2.655  0.851   1.00 16.85  ? 19 DT  B O4    1 
ATOM   383 C C5    . DT  B 1 7  ? -2.065  -3.330  -1.413  1.00 7.74   ? 19 DT  B C5    1 
ATOM   384 C C7    . DT  B 1 7  ? -3.372  -4.031  -1.180  1.00 13.65  ? 19 DT  B C7    1 
ATOM   385 C C6    . DT  B 1 7  ? -1.570  -3.330  -2.656  1.00 9.75   ? 19 DT  B C6    1 
ATOM   386 P P     . DT  B 1 8  ? 3.001   -4.883  -7.425  1.00 32.42  ? 20 DT  B P     1 
ATOM   387 O OP1   . DT  B 1 8  ? 3.696   -4.499  -8.675  1.00 31.63  ? 20 DT  B OP1   1 
ATOM   388 O OP2   . DT  B 1 8  ? 2.188   -6.133  -7.434  1.00 30.24  ? 20 DT  B OP2   1 
ATOM   389 O "O5'" . DT  B 1 8  ? 4.127   -4.937  -6.328  1.00 30.77  ? 20 DT  B "O5'" 1 
ATOM   390 C "C5'" . DT  B 1 8  ? 4.978   -3.845  -5.979  1.00 28.94  ? 20 DT  B "C5'" 1 
ATOM   391 C "C4'" . DT  B 1 8  ? 5.626   -3.998  -4.561  1.00 26.41  ? 20 DT  B "C4'" 1 
ATOM   392 O "O4'" . DT  B 1 8  ? 4.642   -3.763  -3.496  1.00 25.10  ? 20 DT  B "O4'" 1 
ATOM   393 C "C3'" . DT  B 1 8  ? 6.144   -5.402  -4.349  1.00 24.85  ? 20 DT  B "C3'" 1 
ATOM   394 O "O3'" . DT  B 1 8  ? 7.221   -5.459  -3.470  1.00 26.11  ? 20 DT  B "O3'" 1 
ATOM   395 C "C2'" . DT  B 1 8  ? 4.994   -5.882  -3.540  1.00 23.31  ? 20 DT  B "C2'" 1 
ATOM   396 C "C1'" . DT  B 1 8  ? 4.797   -4.762  -2.512  1.00 15.39  ? 20 DT  B "C1'" 1 
ATOM   397 N N1    . DT  B 1 8  ? 3.606   -5.030  -1.736  1.00 8.01   ? 20 DT  B N1    1 
ATOM   398 C C2    . DT  B 1 8  ? 3.576   -4.701  -0.405  1.00 10.37  ? 20 DT  B C2    1 
ATOM   399 O O2    . DT  B 1 8  ? 4.519   -4.184  0.178   1.00 9.42   ? 20 DT  B O2    1 
ATOM   400 N N3    . DT  B 1 8  ? 2.388   -4.996  0.246   1.00 10.02  ? 20 DT  B N3    1 
ATOM   401 C C4    . DT  B 1 8  ? 1.241   -5.586  -0.317  1.00 8.42   ? 20 DT  B C4    1 
ATOM   402 O O4    . DT  B 1 8  ? 0.177   -5.791  0.279   1.00 13.36  ? 20 DT  B O4    1 
ATOM   403 C C5    . DT  B 1 8  ? 1.385   -5.890  -1.671  1.00 4.20   ? 20 DT  B C5    1 
ATOM   404 C C7    . DT  B 1 8  ? 0.210   -6.510  -2.406  1.00 8.02   ? 20 DT  B C7    1 
ATOM   405 C C6    . DT  B 1 8  ? 2.529   -5.609  -2.332  1.00 9.84   ? 20 DT  B C6    1 
ATOM   406 P P     . DT  B 1 9  ? 8.608   -5.986  -3.954  1.00 30.33  ? 21 DT  B P     1 
ATOM   407 O OP1   . DT  B 1 9  ? 9.405   -4.968  -4.713  1.00 31.11  ? 21 DT  B OP1   1 
ATOM   408 O OP2   . DT  B 1 9  ? 8.361   -7.306  -4.529  1.00 30.60  ? 21 DT  B OP2   1 
ATOM   409 O "O5'" . DT  B 1 9  ? 9.217   -6.135  -2.476  1.00 28.78  ? 21 DT  B "O5'" 1 
ATOM   410 C "C5'" . DT  B 1 9  ? 9.267   -5.119  -1.424  1.00 25.54  ? 21 DT  B "C5'" 1 
ATOM   411 C "C4'" . DT  B 1 9  ? 8.796   -5.633  -0.041  1.00 21.42  ? 21 DT  B "C4'" 1 
ATOM   412 O "O4'" . DT  B 1 9  ? 7.404   -5.878  0.055   1.00 22.51  ? 21 DT  B "O4'" 1 
ATOM   413 C "C3'" . DT  B 1 9  ? 9.369   -6.982  0.151   1.00 22.51  ? 21 DT  B "C3'" 1 
ATOM   414 O "O3'" . DT  B 1 9  ? 10.670  -6.728  0.692   1.00 30.70  ? 21 DT  B "O3'" 1 
ATOM   415 C "C2'" . DT  B 1 9  ? 8.360   -7.664  1.043   1.00 24.09  ? 21 DT  B "C2'" 1 
ATOM   416 C "C1'" . DT  B 1 9  ? 7.224   -6.707  1.204   1.00 19.40  ? 21 DT  B "C1'" 1 
ATOM   417 N N1    . DT  B 1 9  ? 5.887   -7.353  1.145   1.00 16.87  ? 21 DT  B N1    1 
ATOM   418 C C2    . DT  B 1 9  ? 5.020   -7.211  2.211   1.00 20.13  ? 21 DT  B C2    1 
ATOM   419 O O2    . DT  B 1 9  ? 5.324   -6.694  3.253   1.00 31.15  ? 21 DT  B O2    1 
ATOM   420 N N3    . DT  B 1 9  ? 3.733   -7.656  2.154   1.00 22.18  ? 21 DT  B N3    1 
ATOM   421 C C4    . DT  B 1 9  ? 3.202   -8.268  1.075   1.00 21.22  ? 21 DT  B C4    1 
ATOM   422 O O4    . DT  B 1 9  ? 2.045   -8.634  1.207   1.00 24.10  ? 21 DT  B O4    1 
ATOM   423 C C5    . DT  B 1 9  ? 4.144   -8.421  -0.062  1.00 18.17  ? 21 DT  B C5    1 
ATOM   424 C C7    . DT  B 1 9  ? 3.752   -9.064  -1.377  1.00 15.57  ? 21 DT  B C7    1 
ATOM   425 C C6    . DT  B 1 9  ? 5.435   -7.967  0.018   1.00 18.01  ? 21 DT  B C6    1 
ATOM   426 P P     . DG  B 1 10 ? 11.804  -7.848  0.944   1.00 36.61  ? 22 DG  B P     1 
ATOM   427 O OP1   . DG  B 1 10 ? 13.142  -7.259  1.057   1.00 36.59  ? 22 DG  B OP1   1 
ATOM   428 O OP2   . DG  B 1 10 ? 11.614  -8.976  -0.013  1.00 38.63  ? 22 DG  B OP2   1 
ATOM   429 O "O5'" . DG  B 1 10 ? 11.364  -8.351  2.374   1.00 32.81  ? 22 DG  B "O5'" 1 
ATOM   430 C "C5'" . DG  B 1 10 ? 11.208  -7.550  3.530   1.00 33.21  ? 22 DG  B "C5'" 1 
ATOM   431 C "C4'" . DG  B 1 10 ? 10.422  -8.313  4.670   1.00 33.67  ? 22 DG  B "C4'" 1 
ATOM   432 O "O4'" . DG  B 1 10 ? 9.014   -8.401  4.432   1.00 28.49  ? 22 DG  B "O4'" 1 
ATOM   433 C "C3'" . DG  B 1 10 ? 10.983  -9.785  4.820   1.00 34.98  ? 22 DG  B "C3'" 1 
ATOM   434 O "O3'" . DG  B 1 10 ? 10.883  -10.190 6.183   1.00 42.27  ? 22 DG  B "O3'" 1 
ATOM   435 C "C2'" . DG  B 1 10 ? 9.990   -10.596 4.054   1.00 30.10  ? 22 DG  B "C2'" 1 
ATOM   436 C "C1'" . DG  B 1 10 ? 8.724   -9.835  4.472   1.00 26.31  ? 22 DG  B "C1'" 1 
ATOM   437 N N9    . DG  B 1 10 ? 7.650   -10.206 3.564   1.00 21.11  ? 22 DG  B N9    1 
ATOM   438 C C8    . DG  B 1 10 ? 7.736   -10.581 2.243   1.00 14.35  ? 22 DG  B C8    1 
ATOM   439 N N7    . DG  B 1 10 ? 6.589   -10.926 1.756   1.00 15.82  ? 22 DG  B N7    1 
ATOM   440 C C5    . DG  B 1 10 ? 5.697   -10.759 2.832   1.00 12.91  ? 22 DG  B C5    1 
ATOM   441 C C6    . DG  B 1 10 ? 4.321   -11.003 2.875   1.00 15.83  ? 22 DG  B C6    1 
ATOM   442 O O6    . DG  B 1 10 ? 3.612   -11.423 1.938   1.00 27.14  ? 22 DG  B O6    1 
ATOM   443 N N1    . DG  B 1 10 ? 3.791   -10.730 4.107   1.00 8.46   ? 22 DG  B N1    1 
ATOM   444 C C2    . DG  B 1 10 ? 4.483   -10.279 5.156   1.00 5.12   ? 22 DG  B C2    1 
ATOM   445 N N2    . DG  B 1 10 ? 3.784   -9.973  6.251   1.00 4.71   ? 22 DG  B N2    1 
ATOM   446 N N3    . DG  B 1 10 ? 5.782   -10.059 5.126   1.00 9.62   ? 22 DG  B N3    1 
ATOM   447 C C4    . DG  B 1 10 ? 6.329   -10.316 3.929   1.00 14.42  ? 22 DG  B C4    1 
ATOM   448 P P     . DC  B 1 11 ? 12.086  -10.105 7.233   1.00 42.79  ? 23 DC  B P     1 
ATOM   449 O OP1   . DC  B 1 11 ? 12.749  -8.778  7.178   1.00 43.66  ? 23 DC  B OP1   1 
ATOM   450 O OP2   . DC  B 1 11 ? 12.879  -11.336 6.995   1.00 43.57  ? 23 DC  B OP2   1 
ATOM   451 O "O5'" . DC  B 1 11 ? 11.278  -10.227 8.587   1.00 38.11  ? 23 DC  B "O5'" 1 
ATOM   452 C "C5'" . DC  B 1 11 ? 10.099  -9.420  8.760   1.00 35.21  ? 23 DC  B "C5'" 1 
ATOM   453 C "C4'" . DC  B 1 11 ? 9.172   -9.971  9.842   1.00 34.39  ? 23 DC  B "C4'" 1 
ATOM   454 O "O4'" . DC  B 1 11 ? 7.855   -10.256 9.302   1.00 32.73  ? 23 DC  B "O4'" 1 
ATOM   455 C "C3'" . DC  B 1 11 ? 9.740   -11.275 10.374  1.00 33.75  ? 23 DC  B "C3'" 1 
ATOM   456 O "O3'" . DC  B 1 11 ? 9.170   -11.678 11.599  1.00 40.35  ? 23 DC  B "O3'" 1 
ATOM   457 C "C2'" . DC  B 1 11 ? 9.151   -12.156 9.337   1.00 32.15  ? 23 DC  B "C2'" 1 
ATOM   458 C "C1'" . DC  B 1 11 ? 7.716   -11.669 9.124   1.00 27.54  ? 23 DC  B "C1'" 1 
ATOM   459 N N1    . DC  B 1 11 ? 7.342   -12.253 7.773   1.00 16.58  ? 23 DC  B N1    1 
ATOM   460 C C2    . DC  B 1 11 ? 6.046   -12.710 7.630   1.00 12.87  ? 23 DC  B C2    1 
ATOM   461 O O2    . DC  B 1 11 ? 5.225   -12.490 8.523   1.00 14.00  ? 23 DC  B O2    1 
ATOM   462 N N3    . DC  B 1 11 ? 5.690   -13.420 6.492   1.00 8.73   ? 23 DC  B N3    1 
ATOM   463 C C4    . DC  B 1 11 ? 6.632   -13.631 5.570   1.00 12.88  ? 23 DC  B C4    1 
ATOM   464 N N4    . DC  B 1 11 ? 6.329   -14.314 4.476   1.00 19.30  ? 23 DC  B N4    1 
ATOM   465 C C5    . DC  B 1 11 ? 7.968   -13.166 5.673   1.00 16.75  ? 23 DC  B C5    1 
ATOM   466 C C6    . DC  B 1 11 ? 8.272   -12.481 6.784   1.00 19.06  ? 23 DC  B C6    1 
ATOM   467 P P     . DG  B 1 12 ? 9.755   -12.947 12.412  1.00 44.40  ? 24 DG  B P     1 
ATOM   468 O OP1   . DG  B 1 12 ? 10.361  -12.353 13.607  1.00 46.95  ? 24 DG  B OP1   1 
ATOM   469 O OP2   . DG  B 1 12 ? 10.540  -13.883 11.552  1.00 43.98  ? 24 DG  B OP2   1 
ATOM   470 O "O5'" . DG  B 1 12 ? 8.410   -13.690 12.866  1.00 38.39  ? 24 DG  B "O5'" 1 
ATOM   471 C "C5'" . DG  B 1 12 ? 7.404   -13.160 13.709  1.00 31.76  ? 24 DG  B "C5'" 1 
ATOM   472 C "C4'" . DG  B 1 12 ? 6.208   -14.060 13.524  1.00 30.26  ? 24 DG  B "C4'" 1 
ATOM   473 O "O4'" . DG  B 1 12 ? 5.824   -13.972 12.148  1.00 30.65  ? 24 DG  B "O4'" 1 
ATOM   474 C "C3'" . DG  B 1 12 ? 6.536   -15.560 13.642  1.00 32.32  ? 24 DG  B "C3'" 1 
ATOM   475 O "O3'" . DG  B 1 12 ? 6.609   -16.035 15.021  1.00 32.67  ? 24 DG  B "O3'" 1 
ATOM   476 C "C2'" . DG  B 1 12 ? 5.300   -16.127 12.897  1.00 28.95  ? 24 DG  B "C2'" 1 
ATOM   477 C "C1'" . DG  B 1 12 ? 5.194   -15.207 11.695  1.00 26.53  ? 24 DG  B "C1'" 1 
ATOM   478 N N9    . DG  B 1 12 ? 5.917   -15.672 10.461  1.00 15.54  ? 24 DG  B N9    1 
ATOM   479 C C8    . DG  B 1 12 ? 7.238   -15.568 10.128  1.00 10.02  ? 24 DG  B C8    1 
ATOM   480 N N7    . DG  B 1 12 ? 7.544   -15.956 8.921   1.00 7.74   ? 24 DG  B N7    1 
ATOM   481 C C5    . DG  B 1 12 ? 6.288   -16.353 8.412   1.00 14.63  ? 24 DG  B C5    1 
ATOM   482 C C6    . DG  B 1 12 ? 5.948   -16.851 7.107   1.00 14.37  ? 24 DG  B C6    1 
ATOM   483 O O6    . DG  B 1 12 ? 6.710   -16.995 6.144   1.00 20.53  ? 24 DG  B O6    1 
ATOM   484 N N1    . DG  B 1 12 ? 4.580   -17.104 6.986   1.00 9.39   ? 24 DG  B N1    1 
ATOM   485 C C2    . DG  B 1 12 ? 3.662   -16.900 7.982   1.00 17.04  ? 24 DG  B C2    1 
ATOM   486 N N2    . DG  B 1 12 ? 2.359   -17.179 7.692   1.00 22.27  ? 24 DG  B N2    1 
ATOM   487 N N3    . DG  B 1 12 ? 3.993   -16.427 9.215   1.00 16.78  ? 24 DG  B N3    1 
ATOM   488 C C4    . DG  B 1 12 ? 5.311   -16.183 9.354   1.00 13.70  ? 24 DG  B C4    1 
HETATM 489 O O1    . HT  C 2 .  ? 8.819   -1.693  -0.226  1.00 48.90  ? 25 HT  B O1    1 
HETATM 490 C C1    . HT  C 2 .  ? 7.903   -1.521  -1.243  1.00 48.12  ? 25 HT  B C1    1 
HETATM 491 C C4    . HT  C 2 .  ? 6.066   -0.661  -3.200  1.00 43.26  ? 25 HT  B C4    1 
HETATM 492 C C2    . HT  C 2 .  ? 8.315   -1.312  -2.579  1.00 47.63  ? 25 HT  B C2    1 
HETATM 493 C C3    . HT  C 2 .  ? 7.399   -0.860  -3.550  1.00 45.30  ? 25 HT  B C3    1 
HETATM 494 C C6    . HT  C 2 .  ? 6.549   -1.383  -0.927  1.00 46.58  ? 25 HT  B C6    1 
HETATM 495 C C5    . HT  C 2 .  ? 5.636   -0.945  -1.900  1.00 45.69  ? 25 HT  B C5    1 
HETATM 496 C C7    . HT  C 2 .  ? 5.133   -0.404  -4.176  1.00 42.79  ? 25 HT  B C7    1 
HETATM 497 N N1    . HT  C 2 .  ? 3.820   -0.194  -3.898  1.00 43.22  ? 25 HT  B N1    1 
HETATM 498 C C8    . HT  C 2 .  ? 3.119   0.290   -5.007  1.00 45.70  ? 25 HT  B C8    1 
HETATM 499 C C9    . HT  C 2 .  ? 4.169   0.099   -5.964  1.00 45.62  ? 25 HT  B C9    1 
HETATM 500 N N2    . HT  C 2 .  ? 5.435   -0.219  -5.473  1.00 42.76  ? 25 HT  B N2    1 
HETATM 501 C C10   . HT  C 2 .  ? 3.713   0.134   -7.310  1.00 45.31  ? 25 HT  B C10   1 
HETATM 502 C C11   . HT  C 2 .  ? 2.381   0.412   -7.670  1.00 45.01  ? 25 HT  B C11   1 
HETATM 503 C C12   . HT  C 2 .  ? 1.422   0.677   -6.686  1.00 49.60  ? 25 HT  B C12   1 
HETATM 504 C C13   . HT  C 2 .  ? 1.783   0.579   -5.326  1.00 46.75  ? 25 HT  B C13   1 
HETATM 505 C C14   . HT  C 2 .  ? 0.215   1.259   -7.066  1.00 53.27  ? 25 HT  B C14   1 
HETATM 506 N N3    . HT  C 2 .  ? -0.707  1.742   -6.192  1.00 55.68  ? 25 HT  B N3    1 
HETATM 507 C C15   . HT  C 2 .  ? -1.932  2.025   -6.792  1.00 58.76  ? 25 HT  B C15   1 
HETATM 508 C C16   . HT  C 2 .  ? -1.588  1.634   -8.109  1.00 58.45  ? 25 HT  B C16   1 
HETATM 509 N N4    . HT  C 2 .  ? -0.316  1.116   -8.293  1.00 56.96  ? 25 HT  B N4    1 
HETATM 510 C C17   . HT  C 2 .  ? -2.593  1.878   -9.073  1.00 61.16  ? 25 HT  B C17   1 
HETATM 511 C C18   . HT  C 2 .  ? -3.781  2.566   -8.796  1.00 65.00  ? 25 HT  B C18   1 
HETATM 512 C C19   . HT  C 2 .  ? -3.996  3.039   -7.512  1.00 69.12  ? 25 HT  B C19   1 
HETATM 513 C C20   . HT  C 2 .  ? -3.109  2.715   -6.485  1.00 64.40  ? 25 HT  B C20   1 
HETATM 514 N N5    . HT  C 2 .  ? -4.988  3.902   -7.302  1.00 74.93  ? 25 HT  B N5    1 
HETATM 515 C C21   . HT  C 2 .  ? -5.151  5.033   -8.192  1.00 77.54  ? 25 HT  B C21   1 
HETATM 516 C C22   . HT  C 2 .  ? -5.877  6.127   -7.580  1.00 80.76  ? 25 HT  B C22   1 
HETATM 517 N N6    . HT  C 2 .  ? -7.232  5.695   -7.156  1.00 81.18  ? 25 HT  B N6    1 
HETATM 518 C C23   . HT  C 2 .  ? -7.073  4.536   -6.242  1.00 79.44  ? 25 HT  B C23   1 
HETATM 519 C C24   . HT  C 2 .  ? -6.294  3.480   -6.859  1.00 77.65  ? 25 HT  B C24   1 
HETATM 520 C C25   . HT  C 2 .  ? -8.076  6.764   -6.569  1.00 82.05  ? 25 HT  B C25   1 
HETATM 521 O O     . HOH D 3 .  ? 2.454   10.215  -0.713  1.00 89.37  ? 26 HOH A O     1 
HETATM 522 O O     . HOH D 3 .  ? 6.669   6.009   3.975   1.00 63.36  ? 27 HOH A O     1 
HETATM 523 O O     . HOH D 3 .  ? 5.016   4.715   5.732   1.00 53.07  ? 28 HOH A O     1 
HETATM 524 O O     . HOH D 3 .  ? 3.075   3.817   7.890   1.00 50.36  ? 29 HOH A O     1 
HETATM 525 O O     . HOH D 3 .  ? 13.597  2.677   2.218   1.00 104.30 ? 30 HOH A O     1 
HETATM 526 O O     . HOH D 3 .  ? 3.264   9.725   -7.346  1.00 51.74  ? 36 HOH A O     1 
HETATM 527 O O     . HOH D 3 .  ? 1.179   3.007   -14.234 1.00 32.94  ? 37 HOH A O     1 
HETATM 528 O O     . HOH D 3 .  ? 1.272   -23.072 3.605   1.00 56.81  ? 40 HOH A O     1 
HETATM 529 O O     . HOH D 3 .  ? -5.423  -7.628  5.365   1.00 74.08  ? 41 HOH A O     1 
HETATM 530 O O     . HOH D 3 .  ? -3.923  -4.543  6.813   1.00 37.66  ? 43 HOH A O     1 
HETATM 531 O O     . HOH D 3 .  ? 10.476  1.477   -5.732  1.00 82.45  ? 49 HOH A O     1 
HETATM 532 O O     . HOH D 3 .  ? 12.082  2.216   -2.832  1.00 65.91  ? 50 HOH A O     1 
HETATM 533 O O     . HOH D 3 .  ? 4.269   2.692   -12.019 1.00 61.90  ? 52 HOH A O     1 
HETATM 534 O O     . HOH D 3 .  ? -4.553  -11.041 2.379   1.00 62.08  ? 53 HOH A O     1 
HETATM 535 O O     . HOH D 3 .  ? -5.281  -5.963  12.591  1.00 52.96  ? 54 HOH A O     1 
HETATM 536 O O     . HOH D 3 .  ? -0.745  5.699   -15.426 1.00 83.91  ? 59 HOH A O     1 
HETATM 537 O O     . HOH D 3 .  ? 12.114  3.079   6.647   1.00 52.38  ? 63 HOH A O     1 
HETATM 538 O O     . HOH D 3 .  ? -8.345  -7.756  6.940   1.00 74.59  ? 64 HOH A O     1 
HETATM 539 O O     . HOH D 3 .  ? -2.090  -1.931  14.738  1.00 82.23  ? 65 HOH A O     1 
HETATM 540 O O     . HOH D 3 .  ? 2.252   1.874   9.981   1.00 99.95  ? 66 HOH A O     1 
HETATM 541 O O     . HOH D 3 .  ? 2.434   -15.113 -0.662  1.00 57.25  ? 67 HOH A O     1 
HETATM 542 O O     . HOH D 3 .  ? 10.697  4.814   -0.785  1.00 90.22  ? 68 HOH A O     1 
HETATM 543 O O     . HOH D 3 .  ? -5.011  -3.809  9.666   1.00 87.89  ? 69 HOH A O     1 
HETATM 544 O O     . HOH D 3 .  ? 3.698   -4.479  13.936  1.00 61.42  ? 70 HOH A O     1 
HETATM 545 O O     . HOH D 3 .  ? 3.370   -1.853  14.526  1.00 58.06  ? 71 HOH A O     1 
HETATM 546 O O     . HOH D 3 .  ? 3.399   0.994   7.461   1.00 85.59  ? 72 HOH A O     1 
HETATM 547 O O     . HOH D 3 .  ? 7.940   -2.687  10.282  1.00 63.80  ? 73 HOH A O     1 
HETATM 548 O O     . HOH D 3 .  ? 11.439  1.332   1.745   1.00 93.52  ? 74 HOH A O     1 
HETATM 549 O O     . HOH D 3 .  ? 10.233  5.625   -6.016  1.00 40.49  ? 75 HOH A O     1 
HETATM 550 O O     . HOH D 3 .  ? -5.637  9.100   -16.058 1.00 76.00  ? 76 HOH A O     1 
HETATM 551 O O     . HOH D 3 .  ? -14.681 5.758   -6.308  1.00 66.51  ? 77 HOH A O     1 
HETATM 552 O O     . HOH D 3 .  ? 9.380   4.105   -8.943  1.00 73.79  ? 83 HOH A O     1 
HETATM 553 O O     . HOH D 3 .  ? 2.390   8.222   -11.217 1.00 37.48  ? 84 HOH A O     1 
HETATM 554 O O     . HOH E 3 .  ? 8.026   -5.365  5.701   1.00 58.50  ? 31 HOH B O     1 
HETATM 555 O O     . HOH E 3 .  ? 12.275  -5.831  -3.377  1.00 49.23  ? 32 HOH B O     1 
HETATM 556 O O     . HOH E 3 .  ? 6.563   -7.970  7.003   1.00 27.17  ? 33 HOH B O     1 
HETATM 557 O O     . HOH E 3 .  ? -2.867  10.843  3.987   1.00 33.66  ? 34 HOH B O     1 
HETATM 558 O O     . HOH E 3 .  ? -1.994  21.793  4.501   1.00 47.19  ? 35 HOH B O     1 
HETATM 559 O O     . HOH E 3 .  ? 3.398   19.818  7.338   1.00 80.94  ? 38 HOH B O     1 
HETATM 560 O O     . HOH E 3 .  ? -8.494  -2.129  -0.881  1.00 75.29  ? 39 HOH B O     1 
HETATM 561 O O     . HOH E 3 .  ? 5.786   -9.047  -5.631  1.00 38.79  ? 42 HOH B O     1 
HETATM 562 O O     . HOH E 3 .  ? 2.164   -7.026  -4.976  1.00 68.89  ? 44 HOH B O     1 
HETATM 563 O O     . HOH E 3 .  ? -2.888  -5.137  -5.317  1.00 40.40  ? 45 HOH B O     1 
HETATM 564 O O     . HOH E 3 .  ? -5.325  -5.341  -4.419  1.00 66.93  ? 46 HOH B O     1 
HETATM 565 O O     . HOH E 3 .  ? -6.426  -0.597  0.521   1.00 13.96  ? 47 HOH B O     1 
HETATM 566 O O     . HOH E 3 .  ? -1.600  8.170   2.182   1.00 51.00  ? 48 HOH B O     1 
HETATM 567 O O     . HOH E 3 .  ? 10.169  -16.161 5.077   1.00 42.39  ? 51 HOH B O     1 
HETATM 568 O O     . HOH E 3 .  ? 13.591  -11.341 10.636  1.00 85.12  ? 55 HOH B O     1 
HETATM 569 O O     . HOH E 3 .  ? -5.942  10.414  6.615   1.00 78.27  ? 56 HOH B O     1 
HETATM 570 O O     . HOH E 3 .  ? -3.693  14.861  7.886   1.00 74.58  ? 57 HOH B O     1 
HETATM 571 O O     . HOH E 3 .  ? -0.439  16.356  4.727   1.00 60.02  ? 58 HOH B O     1 
HETATM 572 O O     . HOH E 3 .  ? -15.580 4.307   2.535   1.00 82.77  ? 60 HOH B O     1 
HETATM 573 O O     . HOH E 3 .  ? -14.494 2.680   0.596   1.00 66.02  ? 61 HOH B O     1 
HETATM 574 O O     . HOH E 3 .  ? 1.315   -4.557  -11.466 1.00 44.58  ? 62 HOH B O     1 
HETATM 575 O O     . HOH E 3 .  ? 0.962   14.085  -0.774  1.00 82.91  ? 78 HOH B O     1 
HETATM 576 O O     . HOH E 3 .  ? 0.312   19.271  4.936   1.00 56.28  ? 79 HOH B O     1 
HETATM 577 O O     . HOH E 3 .  ? -3.051  18.878  5.216   1.00 56.19  ? 80 HOH B O     1 
HETATM 578 O O     . HOH E 3 .  ? -11.058 -1.085  -1.665  1.00 70.01  ? 81 HOH B O     1 
HETATM 579 O O     . HOH E 3 .  ? -7.523  -3.158  -4.668  1.00 87.71  ? 82 HOH B O     1 
HETATM 580 O O     . HOH E 3 .  ? -11.368 -4.207  -5.203  1.00 64.46  ? 85 HOH B O     1 
HETATM 581 O O     . HOH E 3 .  ? 3.642   -2.242  -10.308 1.00 64.59  ? 86 HOH B O     1 
HETATM 582 O O     . HOH E 3 .  ? 7.885   -3.370  2.264   1.00 45.34  ? 87 HOH B O     1 
HETATM 583 O O     . HOH E 3 .  ? -4.307  7.036   7.077   1.00 83.89  ? 88 HOH B O     1 
# 
